data_7FSP
#
_entry.id   7FSP
#
_cell.length_a   80.444
_cell.length_b   49.502
_cell.length_c   114.424
_cell.angle_alpha   90.000
_cell.angle_beta   95.400
_cell.angle_gamma   90.000
#
_symmetry.space_group_name_H-M   'P 1 21 1'
#
loop_
_entity.id
_entity.type
_entity.pdbx_description
1 polymer Syntenin-1
2 non-polymer 1,2-ETHANEDIOL
3 non-polymer 'SULFATE ION'
4 non-polymer 'D-GLUTAMIC ACID'
5 non-polymer GLYCINE
6 non-polymer N-(8-methyl-1,2,3,4-tetrahydroquinolin-5-yl)acetamide
7 non-polymer ALANINE
8 water water
#
_entity_poly.entity_id   1
_entity_poly.type   'polypeptide(L)'
_entity_poly.pdbx_seq_one_letter_code
;SMAEIKQGIREVILCKDQDGKIGLRLKSIDNGIFVQLVQANSPASLVGLRFGDQVLQINGENCAGWSSDKAHKVLKQAFG
EKITMTIRDRPFERTITMHKDSTGHVGFIFKNGKITSIVKDSSAARNGLLTEHNICEINGQNVIGLKDSQIADILSTSGT
VVTITIMPAFIFEHIIKRMAPSIMKSLMDHTIPEV
;
_entity_poly.pdbx_strand_id   A,B,C,D
#
loop_
_chem_comp.id
_chem_comp.type
_chem_comp.name
_chem_comp.formula
EDO non-polymer 1,2-ETHANEDIOL 'C2 H6 O2'
SO4 non-polymer 'SULFATE ION' 'O4 S -2'
VW7 non-polymer N-(8-methyl-1,2,3,4-tetrahydroquinolin-5-yl)acetamide 'C12 H16 N2 O'
#
# COMPACT_ATOMS: atom_id res chain seq x y z
N ILE A 5 -21.74 -0.63 19.04
CA ILE A 5 -21.21 -0.52 17.64
C ILE A 5 -22.37 -0.72 16.67
N LYS A 6 -22.63 0.29 15.83
CA LYS A 6 -23.64 0.30 14.74
C LYS A 6 -23.12 -0.51 13.55
N GLN A 7 -24.03 -1.11 12.77
CA GLN A 7 -23.75 -1.79 11.46
C GLN A 7 -23.95 -0.75 10.35
N GLY A 8 -23.75 0.52 10.72
CA GLY A 8 -24.32 1.68 10.02
C GLY A 8 -23.26 2.63 9.52
N ILE A 9 -23.54 3.17 8.34
CA ILE A 9 -22.86 4.33 7.73
C ILE A 9 -23.61 5.57 8.21
N ARG A 10 -22.90 6.56 8.74
CA ARG A 10 -23.52 7.84 9.19
C ARG A 10 -22.80 9.01 8.52
N GLU A 11 -23.48 10.15 8.39
CA GLU A 11 -22.87 11.41 7.91
C GLU A 11 -22.52 12.24 9.14
N VAL A 12 -21.34 12.86 9.14
CA VAL A 12 -20.95 13.90 10.13
C VAL A 12 -20.54 15.14 9.34
N ILE A 13 -20.91 16.31 9.84
CA ILE A 13 -20.49 17.61 9.26
C ILE A 13 -19.57 18.28 10.28
N LEU A 14 -18.36 18.60 9.86
CA LEU A 14 -17.27 19.11 10.71
C LEU A 14 -17.04 20.58 10.38
N CYS A 15 -16.60 21.35 11.38
CA CYS A 15 -16.19 22.76 11.27
C CYS A 15 -14.77 22.93 11.83
N LYS A 16 -13.78 23.27 10.98
CA LYS A 16 -12.39 23.59 11.42
C LYS A 16 -12.46 24.64 12.53
N ASP A 17 -11.63 24.51 13.56
CA ASP A 17 -11.64 25.42 14.74
C ASP A 17 -10.84 26.70 14.39
N GLN A 18 -10.62 27.58 15.38
CA GLN A 18 -9.99 28.91 15.12
C GLN A 18 -8.67 28.68 14.39
N ASP A 19 -7.93 27.63 14.79
CA ASP A 19 -6.53 27.32 14.38
C ASP A 19 -6.48 26.59 13.02
N GLY A 20 -7.63 26.36 12.38
CA GLY A 20 -7.69 25.58 11.13
C GLY A 20 -7.64 24.07 11.38
N LYS A 21 -7.79 23.61 12.63
CA LYS A 21 -7.61 22.20 13.05
C LYS A 21 -8.96 21.50 13.16
N ILE A 22 -9.02 20.19 12.99
CA ILE A 22 -10.25 19.38 13.26
C ILE A 22 -9.98 18.33 14.33
N GLY A 23 -8.72 18.00 14.58
CA GLY A 23 -8.31 17.13 15.71
C GLY A 23 -8.25 15.66 15.30
N LEU A 24 -7.74 15.34 14.13
CA LEU A 24 -7.83 13.97 13.59
C LEU A 24 -6.48 13.55 12.99
N ARG A 25 -6.01 12.33 13.24
CA ARG A 25 -4.93 11.67 12.46
C ARG A 25 -5.58 10.40 11.84
N LEU A 26 -5.34 10.16 10.56
CA LEU A 26 -5.95 9.07 9.79
C LEU A 26 -4.84 8.12 9.37
N LYS A 27 -5.21 6.91 9.01
CA LYS A 27 -4.24 5.86 8.66
C LYS A 27 -4.91 4.97 7.59
N SER A 28 -4.15 4.68 6.54
CA SER A 28 -4.43 3.71 5.44
C SER A 28 -4.34 2.31 5.99
N ILE A 29 -5.45 1.57 5.89
CA ILE A 29 -5.53 0.15 6.29
C ILE A 29 -6.37 -0.57 5.21
N ASP A 30 -5.79 -1.54 4.58
CA ASP A 30 -6.47 -2.47 3.64
C ASP A 30 -7.23 -1.62 2.60
N ASN A 31 -6.64 -0.52 2.15
CA ASN A 31 -7.16 0.37 1.07
C ASN A 31 -8.39 1.13 1.55
N GLY A 32 -8.55 1.25 2.86
CA GLY A 32 -9.54 2.13 3.51
C GLY A 32 -8.81 3.17 4.34
N ILE A 33 -9.56 4.11 4.86
CA ILE A 33 -8.97 5.14 5.74
C ILE A 33 -9.68 5.00 7.07
N PHE A 34 -8.91 4.99 8.15
CA PHE A 34 -9.37 4.78 9.54
C PHE A 34 -8.87 5.89 10.47
N VAL A 35 -9.63 6.12 11.53
CA VAL A 35 -9.26 7.13 12.55
C VAL A 35 -8.18 6.51 13.47
N GLN A 36 -6.98 7.10 13.49
CA GLN A 36 -5.86 6.70 14.34
C GLN A 36 -5.93 7.47 15.68
N LEU A 37 -6.42 8.72 15.65
CA LEU A 37 -6.33 9.68 16.77
C LEU A 37 -7.42 10.71 16.64
N VAL A 38 -8.16 10.90 17.73
CA VAL A 38 -9.16 11.99 17.88
C VAL A 38 -8.68 12.83 19.07
N GLN A 39 -8.46 14.12 18.82
CA GLN A 39 -7.95 15.05 19.86
C GLN A 39 -9.11 15.50 20.76
N ALA A 40 -8.87 15.48 22.07
CA ALA A 40 -9.75 16.06 23.10
C ALA A 40 -10.12 17.49 22.70
N ASN A 41 -11.34 17.91 23.03
CA ASN A 41 -11.94 19.25 22.77
C ASN A 41 -11.71 19.69 21.32
N SER A 42 -11.86 18.81 20.34
CA SER A 42 -11.70 19.18 18.91
C SER A 42 -13.04 19.12 18.19
N PRO A 43 -13.13 19.68 16.96
CA PRO A 43 -14.30 19.46 16.11
C PRO A 43 -14.56 17.95 15.95
N ALA A 44 -13.50 17.15 15.86
CA ALA A 44 -13.65 15.71 15.57
C ALA A 44 -14.32 15.04 16.76
N SER A 45 -13.92 15.37 17.99
CA SER A 45 -14.57 14.73 19.18
C SER A 45 -16.02 15.22 19.32
N LEU A 46 -16.27 16.52 19.10
CA LEU A 46 -17.62 17.13 19.29
C LEU A 46 -18.60 16.48 18.32
N VAL A 47 -18.21 16.22 17.08
CA VAL A 47 -19.19 15.59 16.16
C VAL A 47 -19.23 14.09 16.46
N GLY A 48 -18.34 13.58 17.32
CA GLY A 48 -18.41 12.20 17.82
C GLY A 48 -17.59 11.19 17.04
N LEU A 49 -16.55 11.58 16.27
CA LEU A 49 -15.62 10.58 15.65
C LEU A 49 -14.87 9.80 16.75
N ARG A 50 -14.54 8.53 16.46
CA ARG A 50 -13.90 7.58 17.40
C ARG A 50 -12.71 6.88 16.76
N PHE A 51 -11.77 6.51 17.62
CA PHE A 51 -10.66 5.62 17.24
C PHE A 51 -11.29 4.42 16.49
N GLY A 52 -10.71 4.00 15.38
CA GLY A 52 -11.17 2.83 14.61
C GLY A 52 -12.29 3.12 13.62
N ASP A 53 -12.90 4.30 13.62
CA ASP A 53 -13.96 4.64 12.65
C ASP A 53 -13.33 4.60 11.25
N GLN A 54 -14.08 4.14 10.25
CA GLN A 54 -13.69 4.21 8.85
C GLN A 54 -14.30 5.45 8.19
N VAL A 55 -13.47 6.21 7.50
CA VAL A 55 -13.86 7.36 6.65
C VAL A 55 -14.02 6.82 5.24
N LEU A 56 -15.29 6.69 4.84
CA LEU A 56 -15.75 6.20 3.51
C LEU A 56 -15.50 7.32 2.53
N GLN A 57 -15.92 8.53 2.92
CA GLN A 57 -15.76 9.72 2.04
C GLN A 57 -15.47 10.99 2.82
N ILE A 58 -14.92 11.94 2.06
CA ILE A 58 -14.62 13.33 2.52
C ILE A 58 -15.21 14.22 1.45
N ASN A 59 -16.23 15.01 1.84
CA ASN A 59 -16.84 16.02 0.95
C ASN A 59 -17.38 15.31 -0.31
N GLY A 60 -17.71 14.03 -0.23
CA GLY A 60 -18.30 13.28 -1.37
C GLY A 60 -17.28 12.55 -2.23
N GLU A 61 -15.98 12.78 -2.02
CA GLU A 61 -14.88 11.97 -2.62
C GLU A 61 -14.72 10.67 -1.83
N ASN A 62 -14.71 9.55 -2.52
CA ASN A 62 -14.40 8.24 -1.90
C ASN A 62 -12.97 8.22 -1.38
N CYS A 63 -12.72 7.71 -0.17
CA CYS A 63 -11.35 7.60 0.37
C CYS A 63 -10.63 6.32 -0.06
N ALA A 64 -11.28 5.36 -0.75
CA ALA A 64 -10.67 4.06 -1.10
C ALA A 64 -9.27 4.26 -1.67
N GLY A 65 -8.26 3.52 -1.22
CA GLY A 65 -6.93 3.54 -1.86
C GLY A 65 -6.06 4.75 -1.50
N TRP A 66 -6.58 5.76 -0.78
CA TRP A 66 -5.78 6.95 -0.34
C TRP A 66 -4.62 6.50 0.57
N SER A 67 -3.43 7.11 0.42
CA SER A 67 -2.40 7.10 1.50
C SER A 67 -2.90 7.92 2.69
N SER A 68 -2.41 7.62 3.89
CA SER A 68 -2.51 8.49 5.10
C SER A 68 -2.13 9.94 4.70
N ASP A 69 -1.04 10.09 3.94
CA ASP A 69 -0.55 11.43 3.52
C ASP A 69 -1.64 12.13 2.70
N LYS A 70 -2.29 11.44 1.75
CA LYS A 70 -3.26 12.13 0.86
C LYS A 70 -4.51 12.53 1.66
N ALA A 71 -4.92 11.70 2.63
CA ALA A 71 -6.11 11.98 3.45
C ALA A 71 -5.85 13.27 4.23
N HIS A 72 -4.69 13.35 4.88
CA HIS A 72 -4.25 14.57 5.65
C HIS A 72 -4.16 15.80 4.74
N LYS A 73 -3.61 15.63 3.53
CA LYS A 73 -3.58 16.74 2.54
C LYS A 73 -5.01 17.14 2.22
N VAL A 74 -5.90 16.19 1.88
CA VAL A 74 -7.26 16.58 1.40
C VAL A 74 -7.90 17.42 2.49
N LEU A 75 -7.78 17.00 3.76
CA LEU A 75 -8.32 17.74 4.93
C LEU A 75 -7.73 19.17 5.02
N LYS A 76 -6.42 19.28 4.84
CA LYS A 76 -5.71 20.58 4.97
C LYS A 76 -6.27 21.55 3.92
N GLN A 77 -6.50 21.11 2.68
CA GLN A 77 -7.01 21.95 1.57
C GLN A 77 -8.54 22.10 1.59
N ALA A 78 -9.28 21.42 2.46
CA ALA A 78 -10.75 21.60 2.58
C ALA A 78 -11.12 23.08 2.84
N PHE A 79 -12.27 23.55 2.34
CA PHE A 79 -12.82 24.94 2.44
C PHE A 79 -13.49 25.19 3.81
N GLY A 80 -12.83 24.87 4.94
CA GLY A 80 -13.10 25.40 6.29
C GLY A 80 -14.52 25.19 6.79
N GLU A 81 -15.37 26.17 6.47
CA GLU A 81 -16.86 26.25 6.65
C GLU A 81 -17.48 24.92 7.12
N LYS A 82 -17.32 23.88 6.32
CA LYS A 82 -18.14 22.65 6.39
C LYS A 82 -17.37 21.57 5.64
N ILE A 83 -16.89 20.57 6.39
CA ILE A 83 -16.34 19.29 5.87
C ILE A 83 -17.38 18.21 6.16
N THR A 84 -17.93 17.58 5.12
CA THR A 84 -18.81 16.39 5.32
C THR A 84 -17.89 15.16 5.30
N MET A 85 -18.20 14.18 6.15
CA MET A 85 -17.53 12.85 6.09
C MET A 85 -18.62 11.79 6.14
N THR A 86 -18.43 10.71 5.41
CA THR A 86 -19.27 9.50 5.56
C THR A 86 -18.43 8.51 6.37
N ILE A 87 -18.99 8.01 7.44
CA ILE A 87 -18.28 7.21 8.47
C ILE A 87 -18.92 5.82 8.55
N ARG A 88 -18.13 4.74 8.57
CA ARG A 88 -18.60 3.40 9.04
C ARG A 88 -18.08 3.17 10.47
N ASP A 89 -18.99 2.87 11.39
CA ASP A 89 -18.73 2.81 12.85
C ASP A 89 -17.78 1.65 13.22
N ARG A 90 -16.60 2.02 13.72
CA ARG A 90 -15.56 1.10 14.29
C ARG A 90 -15.64 -0.31 13.70
N PRO A 91 -15.39 -0.51 12.40
CA PRO A 91 -15.68 -1.82 11.81
C PRO A 91 -14.75 -2.94 12.29
N PHE A 92 -13.57 -2.62 12.81
CA PHE A 92 -12.65 -3.70 13.24
C PHE A 92 -12.95 -4.08 14.69
N GLU A 93 -13.93 -3.47 15.35
CA GLU A 93 -14.12 -3.67 16.81
C GLU A 93 -15.45 -4.35 17.13
N ARG A 94 -15.54 -5.01 18.29
CA ARG A 94 -16.80 -5.55 18.83
C ARG A 94 -16.93 -5.07 20.28
N THR A 95 -18.16 -5.04 20.81
CA THR A 95 -18.45 -4.70 22.22
C THR A 95 -18.96 -5.94 22.93
N ILE A 96 -18.37 -6.23 24.08
CA ILE A 96 -18.74 -7.36 24.98
C ILE A 96 -19.26 -6.74 26.29
N THR A 97 -20.43 -7.17 26.75
CA THR A 97 -21.04 -6.76 28.03
C THR A 97 -20.82 -7.90 29.04
N MET A 98 -20.21 -7.56 30.19
CA MET A 98 -19.88 -8.48 31.30
C MET A 98 -20.41 -7.89 32.61
N HIS A 99 -20.50 -8.71 33.66
CA HIS A 99 -21.04 -8.32 35.02
C HIS A 99 -19.99 -8.70 36.06
N LYS A 100 -19.55 -7.76 36.91
CA LYS A 100 -18.54 -8.04 37.96
C LYS A 100 -19.11 -9.13 38.87
N ASP A 101 -18.28 -10.02 39.39
CA ASP A 101 -18.68 -10.99 40.44
C ASP A 101 -18.68 -10.21 41.74
N SER A 102 -19.12 -10.77 42.87
CA SER A 102 -19.19 -10.04 44.18
C SER A 102 -17.79 -9.62 44.64
N THR A 103 -16.71 -10.20 44.10
CA THR A 103 -15.31 -9.72 44.37
C THR A 103 -14.94 -8.52 43.50
N GLY A 104 -15.88 -7.96 42.74
CA GLY A 104 -15.64 -6.87 41.76
C GLY A 104 -14.84 -7.31 40.52
N HIS A 105 -14.86 -8.59 40.11
CA HIS A 105 -14.02 -9.10 38.99
C HIS A 105 -14.90 -9.41 37.77
N VAL A 106 -14.48 -8.99 36.57
CA VAL A 106 -15.12 -9.41 35.29
C VAL A 106 -14.48 -10.73 34.81
N GLY A 107 -13.18 -10.91 34.99
CA GLY A 107 -12.49 -12.21 34.85
C GLY A 107 -11.41 -12.22 33.75
N PHE A 108 -10.55 -11.22 33.65
CA PHE A 108 -9.37 -11.32 32.74
C PHE A 108 -8.14 -10.60 33.28
N ILE A 109 -7.01 -10.89 32.64
CA ILE A 109 -5.69 -10.23 32.80
C ILE A 109 -5.33 -9.59 31.47
N PHE A 110 -4.78 -8.40 31.53
CA PHE A 110 -4.30 -7.65 30.36
C PHE A 110 -2.94 -7.02 30.69
N LYS A 111 -2.17 -6.75 29.64
CA LYS A 111 -0.82 -6.14 29.69
C LYS A 111 -0.70 -5.18 28.50
N ASN A 112 -0.36 -3.91 28.79
CA ASN A 112 -0.20 -2.85 27.76
C ASN A 112 -1.51 -2.75 26.98
N GLY A 113 -2.65 -2.78 27.67
CA GLY A 113 -3.98 -2.69 27.04
C GLY A 113 -4.44 -3.97 26.35
N LYS A 114 -3.60 -5.02 26.27
CA LYS A 114 -3.93 -6.30 25.57
C LYS A 114 -4.38 -7.42 26.52
N ILE A 115 -5.51 -8.06 26.22
CA ILE A 115 -6.07 -9.19 27.03
C ILE A 115 -5.18 -10.40 26.78
N THR A 116 -4.73 -11.08 27.84
CA THR A 116 -3.66 -12.13 27.79
C THR A 116 -4.16 -13.45 28.34
N SER A 117 -5.18 -13.43 29.18
CA SER A 117 -5.77 -14.67 29.71
C SER A 117 -7.18 -14.37 30.21
N ILE A 118 -8.07 -15.36 30.06
CA ILE A 118 -9.47 -15.29 30.54
C ILE A 118 -9.52 -16.25 31.73
N VAL A 119 -10.07 -15.81 32.86
CA VAL A 119 -10.07 -16.62 34.10
C VAL A 119 -11.27 -17.58 34.06
N LYS A 120 -11.05 -18.86 34.39
CA LYS A 120 -12.10 -19.89 34.40
C LYS A 120 -13.31 -19.38 35.17
N ASP A 121 -14.52 -19.80 34.77
CA ASP A 121 -15.79 -19.61 35.53
C ASP A 121 -16.08 -18.13 35.81
N SER A 122 -15.57 -17.20 34.99
CA SER A 122 -15.82 -15.73 35.09
C SER A 122 -16.89 -15.29 34.07
N SER A 123 -17.41 -14.08 34.27
CA SER A 123 -18.27 -13.33 33.31
C SER A 123 -17.57 -13.21 31.94
N ALA A 124 -16.26 -12.95 31.92
CA ALA A 124 -15.46 -12.85 30.66
C ALA A 124 -15.46 -14.20 29.91
N ALA A 125 -15.37 -15.33 30.63
CA ALA A 125 -15.43 -16.68 30.04
C ALA A 125 -16.82 -16.92 29.49
N ARG A 126 -17.85 -16.59 30.27
CA ARG A 126 -19.26 -16.88 29.89
C ARG A 126 -19.62 -16.07 28.65
N ASN A 127 -19.00 -14.91 28.46
CA ASN A 127 -19.32 -13.96 27.36
C ASN A 127 -18.35 -14.13 26.17
N GLY A 128 -17.36 -14.99 26.32
CA GLY A 128 -16.39 -15.37 25.28
C GLY A 128 -15.48 -14.23 24.87
N LEU A 129 -15.04 -13.47 25.86
CA LEU A 129 -13.93 -12.51 25.69
C LEU A 129 -12.75 -13.29 25.13
N LEU A 130 -11.98 -12.66 24.26
CA LEU A 130 -10.82 -13.28 23.62
C LEU A 130 -9.54 -12.66 24.14
N THR A 131 -8.46 -13.43 24.11
CA THR A 131 -7.09 -12.89 24.28
C THR A 131 -6.58 -12.29 22.96
N GLU A 132 -5.42 -11.64 23.02
CA GLU A 132 -4.73 -11.14 21.81
C GLU A 132 -5.64 -10.09 21.15
N HIS A 133 -6.36 -9.37 22.01
CA HIS A 133 -7.28 -8.26 21.64
C HIS A 133 -6.91 -7.06 22.49
N ASN A 134 -6.80 -5.90 21.88
CA ASN A 134 -6.54 -4.63 22.60
C ASN A 134 -7.85 -4.02 23.08
N ILE A 135 -7.81 -3.39 24.26
CA ILE A 135 -8.96 -2.71 24.84
C ILE A 135 -8.99 -1.31 24.26
N CYS A 136 -10.04 -0.94 23.53
CA CYS A 136 -10.16 0.39 22.90
C CYS A 136 -10.98 1.33 23.77
N GLU A 137 -12.04 0.81 24.38
CA GLU A 137 -13.06 1.60 25.11
C GLU A 137 -13.59 0.77 26.28
N ILE A 138 -13.92 1.44 27.39
CA ILE A 138 -14.67 0.84 28.53
C ILE A 138 -15.87 1.74 28.78
N ASN A 139 -17.07 1.18 28.75
CA ASN A 139 -18.31 1.94 28.95
C ASN A 139 -18.29 3.18 28.09
N GLY A 140 -17.93 3.05 26.82
CA GLY A 140 -18.00 4.15 25.85
C GLY A 140 -16.85 5.12 25.96
N GLN A 141 -15.93 4.91 26.89
CA GLN A 141 -14.78 5.83 27.10
C GLN A 141 -13.53 5.31 26.43
N ASN A 142 -12.93 6.09 25.55
CA ASN A 142 -11.62 5.70 24.97
C ASN A 142 -10.59 5.60 26.13
N VAL A 143 -9.82 4.50 26.21
CA VAL A 143 -8.72 4.25 27.19
C VAL A 143 -7.42 3.94 26.46
N ILE A 144 -7.34 4.22 25.18
CA ILE A 144 -6.10 3.89 24.46
C ILE A 144 -5.00 4.85 24.90
N GLY A 145 -3.88 4.27 25.34
CA GLY A 145 -2.70 5.03 25.80
C GLY A 145 -2.73 5.29 27.30
N LEU A 146 -3.82 4.99 27.99
CA LEU A 146 -3.85 5.10 29.46
C LEU A 146 -3.00 3.97 30.02
N LYS A 147 -2.34 4.20 31.16
CA LYS A 147 -1.54 3.16 31.86
C LYS A 147 -2.45 1.99 32.21
N ASP A 148 -1.89 0.80 32.44
CA ASP A 148 -2.72 -0.37 32.78
C ASP A 148 -3.48 -0.05 34.06
N SER A 149 -2.82 0.68 34.97
CA SER A 149 -3.35 0.95 36.32
C SER A 149 -4.60 1.81 36.19
N GLN A 150 -4.61 2.75 35.26
CA GLN A 150 -5.79 3.66 35.04
C GLN A 150 -6.93 2.88 34.39
N ILE A 151 -6.60 1.89 33.57
CA ILE A 151 -7.61 1.00 32.95
C ILE A 151 -8.23 0.22 34.09
N ALA A 152 -7.43 -0.38 34.99
CA ALA A 152 -7.93 -1.11 36.18
C ALA A 152 -8.84 -0.21 36.99
N ASP A 153 -8.39 1.01 37.24
CA ASP A 153 -9.13 2.08 37.97
C ASP A 153 -10.51 2.26 37.35
N ILE A 154 -10.57 2.52 36.05
CA ILE A 154 -11.86 2.74 35.33
C ILE A 154 -12.79 1.52 35.52
N LEU A 155 -12.23 0.32 35.59
CA LEU A 155 -13.03 -0.93 35.73
C LEU A 155 -13.53 -1.05 37.18
N SER A 156 -12.68 -0.69 38.16
CA SER A 156 -13.05 -0.59 39.60
C SER A 156 -14.26 0.31 39.79
N THR A 157 -14.23 1.54 39.28
CA THR A 157 -15.23 2.59 39.62
C THR A 157 -16.37 2.54 38.60
N SER A 158 -16.43 1.49 37.79
CA SER A 158 -17.66 1.21 37.00
C SER A 158 -18.65 0.44 37.89
N GLY A 159 -19.95 0.64 37.65
CA GLY A 159 -21.02 -0.27 38.07
C GLY A 159 -20.75 -1.71 37.69
N THR A 160 -21.66 -2.60 38.03
CA THR A 160 -21.42 -4.07 37.96
C THR A 160 -21.46 -4.48 36.49
N VAL A 161 -22.31 -3.85 35.67
CA VAL A 161 -22.38 -4.03 34.19
C VAL A 161 -21.14 -3.34 33.58
N VAL A 162 -20.29 -4.07 32.86
CA VAL A 162 -19.08 -3.48 32.21
C VAL A 162 -19.17 -3.82 30.72
N THR A 163 -19.21 -2.80 29.90
CA THR A 163 -19.07 -2.89 28.41
C THR A 163 -17.64 -2.53 27.99
N ILE A 164 -16.96 -3.45 27.29
CA ILE A 164 -15.60 -3.20 26.74
C ILE A 164 -15.60 -3.45 25.22
N THR A 165 -15.08 -2.47 24.47
CA THR A 165 -14.94 -2.52 23.01
C THR A 165 -13.51 -3.01 22.76
N ILE A 166 -13.35 -4.08 22.00
CA ILE A 166 -12.02 -4.67 21.74
C ILE A 166 -11.73 -4.71 20.23
N MET A 167 -10.47 -4.91 19.91
CA MET A 167 -9.92 -4.96 18.53
C MET A 167 -8.86 -6.05 18.51
N PRO A 168 -8.85 -6.93 17.48
CA PRO A 168 -7.75 -7.86 17.29
C PRO A 168 -6.41 -7.09 17.34
N ALA A 169 -5.45 -7.64 18.08
CA ALA A 169 -4.19 -6.94 18.39
C ALA A 169 -3.41 -6.64 17.11
N PHE A 170 -3.40 -7.56 16.14
N PHE A 170 -3.42 -7.55 16.13
CA PHE A 170 -2.69 -7.37 14.84
CA PHE A 170 -2.68 -7.37 14.86
C PHE A 170 -3.24 -6.11 14.16
C PHE A 170 -3.24 -6.15 14.11
N ILE A 171 -4.55 -5.88 14.22
CA ILE A 171 -5.16 -4.69 13.54
C ILE A 171 -4.78 -3.44 14.36
N PHE A 172 -5.00 -3.50 15.65
CA PHE A 172 -4.62 -2.43 16.59
C PHE A 172 -3.16 -1.97 16.35
N GLU A 173 -2.22 -2.90 16.28
CA GLU A 173 -0.76 -2.62 16.12
C GLU A 173 -0.53 -1.99 14.75
N HIS A 174 -1.32 -2.31 13.75
CA HIS A 174 -1.22 -1.74 12.38
C HIS A 174 -1.67 -0.27 12.40
N ILE A 175 -2.69 0.07 13.21
CA ILE A 175 -3.36 1.40 13.18
C ILE A 175 -2.48 2.42 13.92
N ILE A 176 -1.95 2.04 15.10
CA ILE A 176 -1.14 2.95 15.97
C ILE A 176 0.34 2.94 15.58
N LYS A 177 0.78 2.06 14.67
CA LYS A 177 2.14 2.09 14.08
C LYS A 177 2.46 3.54 13.68
N ARG A 178 3.62 4.06 14.09
CA ARG A 178 4.14 5.42 13.74
C ARG A 178 3.35 6.49 14.50
N MET A 179 2.83 6.12 15.66
CA MET A 179 2.37 7.04 16.72
C MET A 179 3.09 6.69 18.03
N ALA A 180 4.07 7.53 18.42
CA ALA A 180 4.79 7.54 19.71
C ALA A 180 3.76 7.47 20.84
N PRO A 181 3.91 6.52 21.78
CA PRO A 181 2.84 6.21 22.74
C PRO A 181 2.45 7.34 23.72
N SER A 182 3.26 8.42 23.78
CA SER A 182 3.08 9.58 24.69
C SER A 182 2.05 10.54 24.09
N ILE A 183 2.00 10.68 22.76
CA ILE A 183 0.89 11.40 22.06
C ILE A 183 -0.40 10.63 22.41
N MET A 184 -0.32 9.28 22.40
CA MET A 184 -1.44 8.37 22.69
C MET A 184 -1.95 8.64 24.12
N LYS A 185 -1.10 8.51 25.15
CA LYS A 185 -1.37 8.99 26.55
C LYS A 185 -1.89 10.44 26.58
N SER A 186 -1.20 11.38 25.93
CA SER A 186 -1.36 12.84 26.13
C SER A 186 -2.62 13.36 25.43
N LEU A 187 -2.80 12.99 24.15
CA LEU A 187 -3.65 13.74 23.18
C LEU A 187 -4.88 12.94 22.70
N MET A 188 -4.88 11.61 22.77
CA MET A 188 -6.11 10.80 22.47
C MET A 188 -7.23 11.20 23.46
N ASP A 189 -8.34 11.64 22.90
CA ASP A 189 -9.57 12.04 23.62
C ASP A 189 -10.00 10.87 24.51
N HIS A 190 -9.79 10.98 25.83
CA HIS A 190 -10.26 10.00 26.84
C HIS A 190 -11.52 10.51 27.54
N THR A 191 -12.16 11.53 27.01
CA THR A 191 -13.27 12.18 27.73
C THR A 191 -14.53 11.36 27.48
N ILE A 192 -15.46 11.40 28.41
CA ILE A 192 -16.88 10.98 28.18
C ILE A 192 -17.45 12.02 27.23
N PRO A 193 -18.29 11.66 26.23
CA PRO A 193 -18.89 12.63 25.31
C PRO A 193 -19.82 13.66 25.94
N GLU A 194 -19.90 14.82 25.30
CA GLU A 194 -20.78 15.95 25.70
C GLU A 194 -22.18 15.75 25.07
N VAL A 195 -23.22 16.27 25.73
CA VAL A 195 -24.60 16.37 25.15
C VAL A 195 -25.07 17.82 25.25
N ALA B 3 17.28 34.69 -2.98
CA ALA B 3 17.72 33.94 -1.75
C ALA B 3 18.00 34.95 -0.63
N GLU B 4 17.57 36.20 -0.82
CA GLU B 4 17.63 37.33 0.16
C GLU B 4 17.22 36.82 1.55
N ILE B 5 18.06 37.02 2.56
CA ILE B 5 17.69 36.86 4.00
C ILE B 5 16.52 37.82 4.29
N LYS B 6 15.29 37.27 4.32
CA LYS B 6 14.03 38.04 4.56
C LYS B 6 14.08 38.61 5.97
N GLN B 7 13.87 39.93 6.10
CA GLN B 7 13.91 40.61 7.41
C GLN B 7 12.60 40.32 8.16
N GLY B 8 12.72 39.88 9.41
CA GLY B 8 11.59 39.60 10.29
C GLY B 8 11.27 38.11 10.37
N ILE B 9 10.06 37.88 10.86
CA ILE B 9 9.56 36.66 11.53
C ILE B 9 8.33 36.20 10.75
N ARG B 10 8.26 34.92 10.38
CA ARG B 10 7.04 34.35 9.75
C ARG B 10 6.59 33.12 10.55
N GLU B 11 5.33 32.72 10.33
CA GLU B 11 4.76 31.43 10.82
C GLU B 11 4.93 30.41 9.71
N VAL B 12 5.46 29.24 10.02
CA VAL B 12 5.32 28.08 9.12
C VAL B 12 4.46 27.05 9.83
N ILE B 13 3.68 26.30 9.06
CA ILE B 13 2.70 25.30 9.57
C ILE B 13 3.07 23.93 8.97
N LEU B 14 3.48 22.99 9.82
CA LEU B 14 3.91 21.63 9.44
C LEU B 14 2.89 20.66 9.95
N CYS B 15 2.98 19.45 9.42
CA CYS B 15 2.07 18.29 9.58
C CYS B 15 2.99 17.07 9.54
N LYS B 16 3.15 16.32 10.64
CA LYS B 16 3.98 15.09 10.63
C LYS B 16 3.55 14.19 9.47
N ASP B 17 4.48 13.44 8.89
CA ASP B 17 4.14 12.50 7.79
C ASP B 17 3.58 11.22 8.41
N GLN B 18 3.32 10.16 7.61
CA GLN B 18 2.67 8.91 8.12
C GLN B 18 3.64 8.22 9.08
N ASP B 19 4.96 8.33 8.87
CA ASP B 19 5.94 7.80 9.85
C ASP B 19 6.08 8.70 11.10
N GLY B 20 5.30 9.79 11.23
CA GLY B 20 5.35 10.68 12.40
C GLY B 20 6.60 11.57 12.37
N LYS B 21 7.30 11.66 11.23
CA LYS B 21 8.54 12.46 11.06
C LYS B 21 8.23 13.87 10.54
N ILE B 22 9.10 14.82 10.89
CA ILE B 22 8.99 16.25 10.49
C ILE B 22 10.14 16.55 9.51
N GLY B 23 11.30 15.92 9.78
CA GLY B 23 12.54 16.03 9.01
C GLY B 23 13.44 17.14 9.53
N LEU B 24 13.42 17.47 10.82
CA LEU B 24 14.29 18.54 11.38
C LEU B 24 15.27 17.95 12.37
N ARG B 25 16.49 18.49 12.42
CA ARG B 25 17.29 18.45 13.66
C ARG B 25 17.49 19.88 14.14
N LEU B 26 17.40 20.11 15.44
CA LEU B 26 17.47 21.44 16.10
C LEU B 26 18.67 21.46 17.03
N LYS B 27 19.25 22.64 17.23
CA LYS B 27 20.46 22.80 18.02
C LYS B 27 20.35 24.07 18.83
N SER B 28 20.71 23.97 20.11
CA SER B 28 20.79 25.13 21.03
C SER B 28 22.04 25.97 20.68
N ILE B 29 21.85 27.25 20.38
CA ILE B 29 22.97 28.19 20.12
C ILE B 29 22.66 29.51 20.87
N ASP B 30 23.51 29.94 21.78
CA ASP B 30 23.42 31.28 22.41
C ASP B 30 22.02 31.44 23.01
N ASN B 31 21.40 30.38 23.55
CA ASN B 31 20.06 30.39 24.18
C ASN B 31 18.93 30.58 23.16
N GLY B 32 19.23 30.37 21.90
CA GLY B 32 18.22 30.12 20.89
C GLY B 32 18.26 28.66 20.42
N ILE B 33 17.37 28.40 19.52
CA ILE B 33 17.18 27.11 18.79
C ILE B 33 17.25 27.40 17.29
N PHE B 34 18.12 26.64 16.64
CA PHE B 34 18.44 26.79 15.20
C PHE B 34 18.30 25.42 14.53
N VAL B 35 18.04 25.46 13.23
CA VAL B 35 17.94 24.23 12.40
C VAL B 35 19.34 23.81 11.99
N GLN B 36 19.78 22.60 12.34
CA GLN B 36 21.10 22.08 11.87
C GLN B 36 20.91 21.02 10.80
N LEU B 37 19.68 20.56 10.57
CA LEU B 37 19.36 19.69 9.41
C LEU B 37 17.88 19.84 9.01
N VAL B 38 17.64 19.98 7.71
CA VAL B 38 16.34 19.74 7.05
C VAL B 38 16.53 18.51 6.16
N GLN B 39 15.64 17.53 6.28
CA GLN B 39 15.72 16.26 5.49
C GLN B 39 15.07 16.45 4.12
N ALA B 40 15.76 16.04 3.05
CA ALA B 40 15.21 15.91 1.68
C ALA B 40 13.87 15.14 1.77
N ASN B 41 12.80 15.62 1.15
CA ASN B 41 11.50 14.92 1.06
C ASN B 41 10.88 14.73 2.43
N SER B 42 10.76 15.81 3.19
CA SER B 42 10.18 15.80 4.54
C SER B 42 9.16 16.92 4.58
N PRO B 43 8.25 16.94 5.55
CA PRO B 43 7.38 18.10 5.72
C PRO B 43 8.19 19.39 5.91
N ALA B 44 9.30 19.32 6.65
CA ALA B 44 10.14 20.53 6.87
C ALA B 44 10.72 21.01 5.51
N SER B 45 11.21 20.12 4.64
CA SER B 45 11.67 20.56 3.28
C SER B 45 10.48 21.08 2.49
N LEU B 46 9.32 20.41 2.57
CA LEU B 46 8.17 20.82 1.75
C LEU B 46 7.64 22.19 2.17
N VAL B 47 7.69 22.60 3.45
CA VAL B 47 7.18 23.96 3.85
C VAL B 47 8.31 25.00 3.81
N GLY B 48 9.49 24.64 3.33
CA GLY B 48 10.54 25.62 3.06
C GLY B 48 11.33 26.03 4.28
N LEU B 49 11.42 25.21 5.35
CA LEU B 49 12.41 25.45 6.45
C LEU B 49 13.82 25.20 5.90
N ARG B 50 14.84 25.88 6.47
CA ARG B 50 16.21 25.88 5.93
C ARG B 50 17.24 25.76 7.06
N PHE B 51 18.36 25.11 6.76
CA PHE B 51 19.54 25.10 7.64
C PHE B 51 19.78 26.56 8.08
N GLY B 52 20.00 26.81 9.35
CA GLY B 52 20.31 28.16 9.82
C GLY B 52 19.10 28.88 10.39
N ASP B 53 17.87 28.46 10.01
CA ASP B 53 16.65 29.14 10.51
C ASP B 53 16.66 29.10 12.04
N GLN B 54 16.15 30.13 12.65
CA GLN B 54 15.94 30.22 14.10
C GLN B 54 14.49 29.88 14.37
N VAL B 55 14.23 28.99 15.32
CA VAL B 55 12.86 28.72 15.78
C VAL B 55 12.64 29.52 17.08
N LEU B 56 11.79 30.54 17.03
CA LEU B 56 11.38 31.41 18.18
C LEU B 56 10.35 30.66 18.98
N GLN B 57 9.39 30.02 18.30
CA GLN B 57 8.30 29.34 19.03
C GLN B 57 7.87 28.06 18.30
N ILE B 58 7.44 27.09 19.09
CA ILE B 58 6.73 25.88 18.57
C ILE B 58 5.40 25.80 19.28
N ASN B 59 4.33 25.84 18.50
CA ASN B 59 2.95 25.77 19.02
C ASN B 59 2.79 26.88 20.05
N GLY B 60 3.36 28.07 19.82
CA GLY B 60 3.08 29.20 20.72
C GLY B 60 3.95 29.18 21.99
N GLU B 61 4.80 28.17 22.21
CA GLU B 61 5.74 28.16 23.36
C GLU B 61 7.09 28.74 22.90
N ASN B 62 7.70 29.58 23.72
CA ASN B 62 9.02 30.17 23.38
C ASN B 62 10.12 29.13 23.51
N CYS B 63 11.01 29.12 22.56
CA CYS B 63 12.16 28.19 22.52
C CYS B 63 13.33 28.67 23.38
N ALA B 64 13.33 29.93 23.82
CA ALA B 64 14.45 30.58 24.53
C ALA B 64 14.91 29.70 25.71
N GLY B 65 16.23 29.40 25.75
CA GLY B 65 16.90 28.62 26.81
C GLY B 65 16.69 27.11 26.65
N TRP B 66 15.90 26.66 25.69
CA TRP B 66 15.73 25.19 25.49
C TRP B 66 17.04 24.52 25.12
N SER B 67 17.31 23.36 25.71
CA SER B 67 18.36 22.44 25.21
C SER B 67 17.90 21.85 23.88
N SER B 68 18.86 21.33 23.14
CA SER B 68 18.60 20.61 21.89
C SER B 68 17.71 19.42 22.23
N ASP B 69 17.90 18.82 23.41
CA ASP B 69 17.12 17.60 23.82
C ASP B 69 15.67 18.02 24.12
N LYS B 70 15.46 19.16 24.77
CA LYS B 70 14.07 19.63 25.00
C LYS B 70 13.37 19.88 23.65
N ALA B 71 14.01 20.56 22.70
CA ALA B 71 13.40 20.93 21.41
C ALA B 71 12.92 19.66 20.66
N HIS B 72 13.83 18.72 20.50
CA HIS B 72 13.53 17.39 19.91
C HIS B 72 12.39 16.69 20.66
N LYS B 73 12.47 16.67 21.99
CA LYS B 73 11.38 16.05 22.77
C LYS B 73 10.07 16.76 22.41
N VAL B 74 10.04 18.09 22.36
CA VAL B 74 8.77 18.82 22.06
C VAL B 74 8.23 18.43 20.66
N LEU B 75 9.09 18.18 19.68
CA LEU B 75 8.64 17.83 18.32
C LEU B 75 8.12 16.38 18.37
N LYS B 76 8.83 15.52 19.10
CA LYS B 76 8.43 14.09 19.20
C LYS B 76 7.00 14.03 19.81
N GLN B 77 6.67 14.89 20.77
CA GLN B 77 5.41 14.82 21.56
C GLN B 77 4.27 15.64 20.94
N ALA B 78 4.56 16.40 19.90
CA ALA B 78 3.60 17.23 19.14
C ALA B 78 2.55 16.38 18.40
N PHE B 79 1.25 16.67 18.57
CA PHE B 79 0.18 16.20 17.64
C PHE B 79 0.56 16.60 16.20
N GLY B 80 0.54 15.66 15.25
CA GLY B 80 1.13 15.91 13.93
C GLY B 80 0.22 16.63 12.96
N GLU B 81 -0.97 17.06 13.36
CA GLU B 81 -1.95 17.63 12.41
C GLU B 81 -1.49 19.01 11.95
N LYS B 82 -1.21 19.90 12.89
CA LYS B 82 -0.76 21.30 12.65
C LYS B 82 0.28 21.70 13.73
N ILE B 83 1.54 21.75 13.34
CA ILE B 83 2.63 22.20 14.23
C ILE B 83 2.94 23.60 13.70
N THR B 84 2.72 24.61 14.54
CA THR B 84 3.06 26.02 14.18
C THR B 84 4.48 26.33 14.69
N MET B 85 5.30 26.82 13.77
CA MET B 85 6.62 27.37 14.15
C MET B 85 6.67 28.86 13.76
N THR B 86 7.14 29.70 14.70
CA THR B 86 7.57 31.10 14.42
C THR B 86 9.08 31.07 14.16
N ILE B 87 9.48 31.52 12.98
CA ILE B 87 10.83 31.37 12.37
C ILE B 87 11.39 32.78 12.12
N ARG B 88 12.67 32.97 12.44
CA ARG B 88 13.46 34.11 11.97
C ARG B 88 14.35 33.52 10.91
N ASP B 89 14.40 34.14 9.74
CA ASP B 89 15.07 33.58 8.55
C ASP B 89 16.59 33.64 8.71
N ARG B 90 17.25 32.49 8.65
CA ARG B 90 18.73 32.29 8.64
C ARG B 90 19.51 33.47 9.23
N PRO B 91 19.35 33.83 10.51
CA PRO B 91 19.88 35.08 11.07
C PRO B 91 21.40 35.16 11.20
N PHE B 92 22.13 34.04 11.18
CA PHE B 92 23.60 34.03 11.20
C PHE B 92 24.18 34.07 9.79
N GLU B 93 23.36 34.22 8.78
CA GLU B 93 23.80 34.16 7.36
C GLU B 93 23.55 35.45 6.64
N ARG B 94 24.22 35.61 5.49
CA ARG B 94 23.99 36.73 4.58
C ARG B 94 24.14 36.21 3.18
N THR B 95 23.62 36.92 2.21
CA THR B 95 23.88 36.50 0.79
C THR B 95 24.59 37.57 0.02
N ILE B 96 25.46 37.16 -0.88
CA ILE B 96 26.30 38.06 -1.68
C ILE B 96 25.99 37.71 -3.13
N THR B 97 25.77 38.70 -3.99
CA THR B 97 25.50 38.48 -5.43
C THR B 97 26.77 38.86 -6.19
N MET B 98 27.22 37.95 -7.03
CA MET B 98 28.43 38.08 -7.88
C MET B 98 28.09 37.77 -9.35
N HIS B 99 28.97 38.24 -10.22
CA HIS B 99 28.88 38.07 -11.70
C HIS B 99 30.11 37.32 -12.18
N LYS B 100 29.92 36.25 -12.95
CA LYS B 100 31.04 35.44 -13.49
C LYS B 100 31.78 36.34 -14.46
N ASP B 101 33.08 36.28 -14.45
CA ASP B 101 33.91 36.97 -15.44
C ASP B 101 33.84 36.10 -16.72
N SER B 102 34.57 36.47 -17.77
CA SER B 102 34.50 35.77 -19.08
C SER B 102 35.12 34.36 -18.99
N THR B 103 35.88 34.02 -17.93
CA THR B 103 36.42 32.64 -17.64
C THR B 103 35.38 31.81 -16.89
N GLY B 104 34.24 32.38 -16.50
CA GLY B 104 33.26 31.65 -15.65
C GLY B 104 33.62 31.67 -14.15
N HIS B 105 34.45 32.58 -13.65
CA HIS B 105 34.85 32.65 -12.20
C HIS B 105 34.27 33.85 -11.49
N VAL B 106 33.85 33.70 -10.24
CA VAL B 106 33.41 34.86 -9.40
C VAL B 106 34.57 35.41 -8.58
N GLY B 107 35.55 34.56 -8.27
CA GLY B 107 36.87 34.98 -7.78
C GLY B 107 37.15 34.60 -6.34
N PHE B 108 37.03 33.34 -5.96
CA PHE B 108 37.54 32.93 -4.63
C PHE B 108 38.09 31.50 -4.68
N ILE B 109 38.82 31.17 -3.64
CA ILE B 109 39.27 29.80 -3.33
C ILE B 109 38.54 29.34 -2.06
N PHE B 110 38.14 28.06 -2.02
CA PHE B 110 37.53 27.44 -0.83
C PHE B 110 38.09 26.03 -0.65
N LYS B 111 37.95 25.55 0.58
CA LYS B 111 38.33 24.19 1.00
C LYS B 111 37.38 23.74 2.10
N ASN B 112 36.91 22.50 2.02
CA ASN B 112 35.82 21.92 2.87
C ASN B 112 34.65 22.92 2.97
N GLY B 113 34.25 23.57 1.88
CA GLY B 113 33.11 24.48 1.91
C GLY B 113 33.43 25.80 2.63
N LYS B 114 34.67 26.06 3.02
CA LYS B 114 35.08 27.32 3.66
C LYS B 114 35.88 28.19 2.70
N ILE B 115 35.46 29.45 2.57
CA ILE B 115 36.13 30.45 1.68
C ILE B 115 37.43 30.79 2.38
N THR B 116 38.59 30.65 1.71
CA THR B 116 39.92 30.88 2.29
C THR B 116 40.66 31.99 1.56
N SER B 117 40.26 32.38 0.36
CA SER B 117 40.99 33.48 -0.31
C SER B 117 40.05 34.22 -1.30
N ILE B 118 40.22 35.53 -1.45
CA ILE B 118 39.46 36.37 -2.42
C ILE B 118 40.43 36.75 -3.54
N VAL B 119 40.03 36.49 -4.78
CA VAL B 119 40.90 36.85 -5.93
C VAL B 119 40.80 38.34 -6.16
N LYS B 120 41.96 38.96 -6.32
CA LYS B 120 42.20 40.36 -6.74
C LYS B 120 41.33 40.76 -7.97
N ASP B 121 40.68 41.93 -7.92
CA ASP B 121 39.96 42.54 -9.07
C ASP B 121 38.89 41.57 -9.61
N SER B 122 38.24 40.81 -8.75
CA SER B 122 37.15 39.88 -9.09
C SER B 122 35.81 40.43 -8.61
N SER B 123 34.72 39.77 -9.03
CA SER B 123 33.36 40.07 -8.58
C SER B 123 33.30 39.88 -7.04
N ALA B 124 33.89 38.81 -6.55
CA ALA B 124 33.99 38.47 -5.11
C ALA B 124 34.63 39.65 -4.38
N ALA B 125 35.70 40.22 -4.92
CA ALA B 125 36.40 41.35 -4.29
C ALA B 125 35.44 42.56 -4.33
N ARG B 126 34.84 42.87 -5.48
CA ARG B 126 34.01 44.09 -5.64
C ARG B 126 32.84 44.02 -4.67
N ASN B 127 32.33 42.81 -4.44
CA ASN B 127 31.10 42.56 -3.61
C ASN B 127 31.45 42.25 -2.15
N GLY B 128 32.73 42.26 -1.77
CA GLY B 128 33.16 42.12 -0.35
C GLY B 128 32.86 40.77 0.26
N LEU B 129 33.06 39.72 -0.53
CA LEU B 129 33.02 38.34 -0.02
C LEU B 129 34.11 38.25 1.04
N LEU B 130 33.87 37.47 2.07
CA LEU B 130 34.77 37.34 3.22
C LEU B 130 35.35 35.92 3.27
N THR B 131 36.55 35.82 3.81
CA THR B 131 37.16 34.53 4.16
C THR B 131 36.65 34.04 5.52
N GLU B 132 37.02 32.82 5.89
CA GLU B 132 36.64 32.20 7.17
C GLU B 132 35.11 32.19 7.24
N HIS B 133 34.45 31.99 6.11
CA HIS B 133 33.00 31.88 6.03
C HIS B 133 32.68 30.55 5.31
N ASN B 134 31.74 29.78 5.85
CA ASN B 134 31.24 28.53 5.20
C ASN B 134 30.19 28.87 4.18
N ILE B 135 30.28 28.20 3.06
CA ILE B 135 29.27 28.31 1.98
C ILE B 135 28.06 27.48 2.36
N CYS B 136 26.90 28.10 2.62
CA CYS B 136 25.68 27.34 3.04
C CYS B 136 24.75 27.08 1.83
N GLU B 137 24.58 28.06 0.95
CA GLU B 137 23.70 27.93 -0.21
C GLU B 137 24.41 28.49 -1.45
N ILE B 138 24.11 27.92 -2.62
CA ILE B 138 24.39 28.59 -3.94
C ILE B 138 23.08 28.82 -4.66
N ASN B 139 22.78 30.06 -5.01
CA ASN B 139 21.48 30.45 -5.59
C ASN B 139 20.34 29.82 -4.78
N GLY B 140 20.45 29.77 -3.45
CA GLY B 140 19.33 29.32 -2.60
C GLY B 140 19.26 27.82 -2.38
N GLN B 141 20.12 27.06 -3.06
CA GLN B 141 20.27 25.59 -2.91
C GLN B 141 21.24 25.31 -1.77
N ASN B 142 20.77 24.61 -0.74
CA ASN B 142 21.64 24.11 0.35
C ASN B 142 22.75 23.22 -0.26
N VAL B 143 24.02 23.53 0.00
CA VAL B 143 25.20 22.71 -0.40
C VAL B 143 25.97 22.18 0.80
N ILE B 144 25.33 22.06 1.96
CA ILE B 144 26.02 21.62 3.19
C ILE B 144 26.15 20.09 3.21
N GLY B 145 27.36 19.62 3.47
CA GLY B 145 27.69 18.20 3.39
C GLY B 145 28.09 17.77 1.98
N LEU B 146 28.01 18.59 0.94
CA LEU B 146 28.53 18.22 -0.40
C LEU B 146 30.05 18.33 -0.42
N LYS B 147 30.69 17.64 -1.35
CA LYS B 147 32.17 17.70 -1.49
C LYS B 147 32.49 18.98 -2.26
N ASP B 148 33.72 19.45 -2.18
CA ASP B 148 34.17 20.68 -2.89
C ASP B 148 33.88 20.54 -4.40
N SER B 149 34.14 19.39 -4.99
CA SER B 149 33.95 19.22 -6.45
C SER B 149 32.46 19.42 -6.77
N GLN B 150 31.58 18.96 -5.88
CA GLN B 150 30.13 19.12 -6.09
C GLN B 150 29.76 20.62 -5.99
N ILE B 151 30.34 21.34 -5.03
CA ILE B 151 30.02 22.80 -4.90
C ILE B 151 30.55 23.47 -6.15
N ALA B 152 31.76 23.11 -6.56
CA ALA B 152 32.42 23.66 -7.77
C ALA B 152 31.51 23.40 -9.00
N ASP B 153 30.94 22.21 -9.13
CA ASP B 153 30.06 21.84 -10.27
C ASP B 153 28.81 22.73 -10.29
N ILE B 154 28.17 22.87 -9.14
CA ILE B 154 26.97 23.74 -8.96
C ILE B 154 27.32 25.18 -9.36
N LEU B 155 28.49 25.71 -8.94
CA LEU B 155 28.90 27.07 -9.34
C LEU B 155 29.01 27.11 -10.88
N SER B 156 29.61 26.09 -11.47
CA SER B 156 29.89 26.00 -12.93
C SER B 156 28.57 25.87 -13.72
N THR B 157 27.53 25.24 -13.19
CA THR B 157 26.22 25.13 -13.91
C THR B 157 25.35 26.34 -13.63
N SER B 158 25.74 27.23 -12.73
CA SER B 158 24.99 28.46 -12.47
C SER B 158 25.03 29.37 -13.71
N GLY B 159 24.10 30.32 -13.82
CA GLY B 159 24.21 31.42 -14.80
C GLY B 159 25.37 32.37 -14.46
N THR B 160 25.41 33.51 -15.11
CA THR B 160 26.42 34.57 -14.89
C THR B 160 26.26 35.10 -13.47
N VAL B 161 25.02 35.07 -12.99
CA VAL B 161 24.63 35.69 -11.70
C VAL B 161 24.57 34.57 -10.68
N VAL B 162 25.47 34.61 -9.72
CA VAL B 162 25.56 33.60 -8.63
C VAL B 162 25.33 34.32 -7.29
N THR B 163 24.38 33.85 -6.51
CA THR B 163 24.17 34.33 -5.12
C THR B 163 24.79 33.28 -4.21
N ILE B 164 25.64 33.69 -3.27
CA ILE B 164 26.15 32.73 -2.27
C ILE B 164 25.62 33.17 -0.91
N THR B 165 25.22 32.21 -0.10
CA THR B 165 24.71 32.44 1.27
C THR B 165 25.83 31.94 2.17
N ILE B 166 26.37 32.80 3.05
CA ILE B 166 27.60 32.48 3.81
C ILE B 166 27.29 32.60 5.30
N MET B 167 28.09 31.95 6.14
CA MET B 167 27.96 31.96 7.62
C MET B 167 29.37 32.01 8.18
N PRO B 168 29.65 32.90 9.20
CA PRO B 168 30.96 32.88 9.84
C PRO B 168 31.31 31.43 10.28
N ALA B 169 32.54 31.00 10.00
CA ALA B 169 33.00 29.62 10.24
C ALA B 169 32.79 29.16 11.66
N PHE B 170 33.03 30.05 12.62
N PHE B 170 33.09 30.03 12.63
CA PHE B 170 33.00 29.70 14.06
CA PHE B 170 32.97 29.69 14.08
C PHE B 170 31.55 29.42 14.47
C PHE B 170 31.53 29.31 14.36
N ILE B 171 30.57 30.06 13.83
CA ILE B 171 29.12 29.80 14.11
C ILE B 171 28.72 28.51 13.36
N PHE B 172 29.22 28.31 12.14
CA PHE B 172 28.98 27.08 11.36
C PHE B 172 29.47 25.85 12.12
N GLU B 173 30.72 25.85 12.57
CA GLU B 173 31.27 24.74 13.42
C GLU B 173 30.38 24.52 14.68
N HIS B 174 29.79 25.56 15.29
CA HIS B 174 28.93 25.44 16.49
C HIS B 174 27.61 24.74 16.12
N ILE B 175 26.96 25.18 15.07
CA ILE B 175 25.62 24.66 14.66
C ILE B 175 25.67 23.17 14.27
N ILE B 176 26.77 22.67 13.71
CA ILE B 176 26.78 21.27 13.18
C ILE B 176 27.25 20.28 14.28
N LYS B 177 27.73 20.73 15.45
CA LYS B 177 28.04 19.88 16.62
C LYS B 177 26.82 19.05 17.05
N ARG B 178 27.06 17.91 17.70
CA ARG B 178 26.03 16.91 18.14
C ARG B 178 25.31 16.27 16.95
N MET B 179 25.81 16.40 15.73
CA MET B 179 25.21 15.74 14.54
C MET B 179 26.28 14.87 13.92
N ALA B 180 25.98 13.59 13.64
CA ALA B 180 26.93 12.70 12.96
C ALA B 180 27.22 13.29 11.57
N PRO B 181 28.50 13.50 11.21
CA PRO B 181 28.85 13.87 9.83
C PRO B 181 28.10 13.10 8.73
N SER B 182 27.84 11.82 8.97
CA SER B 182 27.40 10.93 7.89
C SER B 182 25.90 11.21 7.71
N ILE B 183 25.21 11.60 8.79
CA ILE B 183 23.79 12.08 8.75
C ILE B 183 23.72 13.35 7.88
N MET B 184 24.49 14.37 8.25
CA MET B 184 24.56 15.68 7.52
C MET B 184 24.87 15.42 6.04
N LYS B 185 25.84 14.55 5.72
CA LYS B 185 26.13 14.25 4.29
C LYS B 185 24.94 13.50 3.67
N SER B 186 24.30 12.58 4.36
CA SER B 186 23.36 11.69 3.64
C SER B 186 21.96 12.30 3.63
N LEU B 187 21.53 13.05 4.67
CA LEU B 187 20.10 13.38 4.81
C LEU B 187 19.80 14.85 4.44
N MET B 188 20.79 15.73 4.33
CA MET B 188 20.57 17.19 4.15
C MET B 188 19.80 17.46 2.82
N ASP B 189 18.77 18.30 2.90
CA ASP B 189 18.03 18.85 1.75
C ASP B 189 18.96 19.59 0.79
N HIS B 190 18.92 19.25 -0.51
CA HIS B 190 19.67 19.93 -1.57
C HIS B 190 18.72 20.28 -2.70
N THR B 191 17.46 20.35 -2.42
CA THR B 191 16.41 20.77 -3.37
C THR B 191 16.76 22.09 -4.03
N ILE B 192 16.39 22.27 -5.27
CA ILE B 192 16.40 23.59 -5.94
C ILE B 192 15.13 24.32 -5.54
N PRO B 193 15.25 25.60 -5.08
CA PRO B 193 14.11 26.42 -4.77
C PRO B 193 13.06 26.42 -5.89
N GLU B 194 11.83 26.21 -5.48
CA GLU B 194 10.63 26.22 -6.33
C GLU B 194 9.89 27.53 -6.11
N VAL B 195 9.03 27.92 -7.05
CA VAL B 195 8.08 29.04 -6.80
C VAL B 195 6.67 28.51 -7.00
N ALA C 3 -27.35 -13.48 5.88
CA ALA C 3 -26.32 -12.43 5.63
C ALA C 3 -26.04 -11.65 6.94
N GLU C 4 -26.90 -10.71 7.33
CA GLU C 4 -26.59 -9.60 8.29
C GLU C 4 -26.23 -10.18 9.67
N ILE C 5 -25.10 -9.76 10.26
CA ILE C 5 -24.58 -10.33 11.56
C ILE C 5 -25.58 -9.95 12.69
N LYS C 6 -26.34 -10.95 13.19
CA LYS C 6 -27.22 -10.85 14.39
C LYS C 6 -26.33 -10.61 15.61
N GLN C 7 -26.66 -9.65 16.47
CA GLN C 7 -25.78 -9.22 17.59
C GLN C 7 -26.20 -9.89 18.93
N GLY C 8 -25.24 -10.06 19.82
CA GLY C 8 -25.30 -10.96 20.97
C GLY C 8 -25.41 -12.44 20.58
N ILE C 9 -26.07 -13.15 21.47
CA ILE C 9 -25.85 -14.58 21.75
C ILE C 9 -27.17 -15.30 21.45
N ARG C 10 -27.14 -16.48 20.88
CA ARG C 10 -28.35 -17.33 20.82
C ARG C 10 -28.02 -18.74 21.29
N GLU C 11 -29.03 -19.49 21.68
CA GLU C 11 -28.92 -20.91 22.11
C GLU C 11 -29.28 -21.80 20.92
N VAL C 12 -28.50 -22.82 20.58
CA VAL C 12 -28.99 -23.81 19.56
C VAL C 12 -29.07 -25.17 20.24
N ILE C 13 -29.98 -26.04 19.78
CA ILE C 13 -30.27 -27.39 20.38
C ILE C 13 -30.14 -28.40 19.24
N LEU C 14 -29.19 -29.32 19.36
CA LEU C 14 -28.86 -30.26 18.25
C LEU C 14 -29.06 -31.67 18.79
N CYS C 15 -29.23 -32.60 17.86
CA CYS C 15 -29.21 -34.06 18.07
C CYS C 15 -28.24 -34.67 17.09
N LYS C 16 -27.37 -35.58 17.56
CA LYS C 16 -26.51 -36.42 16.68
C LYS C 16 -27.40 -37.09 15.64
N ASP C 17 -26.85 -37.27 14.43
CA ASP C 17 -27.54 -37.97 13.32
C ASP C 17 -27.39 -39.48 13.55
N GLN C 18 -27.84 -40.25 12.56
CA GLN C 18 -27.90 -41.73 12.63
C GLN C 18 -26.46 -42.29 12.67
N ASP C 19 -25.46 -41.48 12.30
CA ASP C 19 -24.03 -41.89 12.28
C ASP C 19 -23.27 -41.32 13.50
N GLY C 20 -23.99 -40.85 14.53
CA GLY C 20 -23.39 -40.26 15.74
C GLY C 20 -22.76 -38.86 15.53
N LYS C 21 -23.07 -38.15 14.44
CA LYS C 21 -22.35 -36.91 14.01
C LYS C 21 -23.28 -35.69 14.06
N ILE C 22 -22.70 -34.49 14.25
CA ILE C 22 -23.44 -33.19 14.15
C ILE C 22 -22.96 -32.38 12.94
N GLY C 23 -21.79 -32.68 12.40
CA GLY C 23 -21.34 -32.16 11.11
C GLY C 23 -20.55 -30.87 11.28
N LEU C 24 -19.69 -30.83 12.31
CA LEU C 24 -18.88 -29.64 12.71
C LEU C 24 -17.39 -29.95 12.78
N ARG C 25 -16.61 -28.91 12.57
CA ARG C 25 -15.19 -28.84 12.99
C ARG C 25 -15.02 -27.49 13.66
N LEU C 26 -14.34 -27.52 14.78
CA LEU C 26 -14.15 -26.40 15.70
C LEU C 26 -12.66 -26.11 15.80
N LYS C 27 -12.28 -24.87 16.08
CA LYS C 27 -10.87 -24.44 16.07
C LYS C 27 -10.71 -23.41 17.20
N SER C 28 -9.66 -23.59 18.01
CA SER C 28 -9.19 -22.69 19.08
C SER C 28 -8.62 -21.46 18.41
N ILE C 29 -9.22 -20.30 18.65
CA ILE C 29 -8.71 -18.97 18.20
C ILE C 29 -8.74 -18.03 19.38
N ASP C 30 -7.59 -17.49 19.81
CA ASP C 30 -7.55 -16.38 20.80
C ASP C 30 -8.30 -16.82 22.07
N ASN C 31 -8.12 -18.06 22.50
CA ASN C 31 -8.74 -18.67 23.71
C ASN C 31 -10.27 -18.73 23.64
N GLY C 32 -10.81 -18.58 22.46
CA GLY C 32 -12.20 -19.04 22.21
C GLY C 32 -12.23 -20.23 21.27
N ILE C 33 -13.44 -20.66 20.96
CA ILE C 33 -13.74 -21.77 20.02
C ILE C 33 -14.61 -21.26 18.88
N PHE C 34 -14.16 -21.52 17.66
CA PHE C 34 -14.87 -21.09 16.44
C PHE C 34 -15.17 -22.25 15.50
N VAL C 35 -16.26 -22.10 14.74
CA VAL C 35 -16.61 -23.10 13.70
C VAL C 35 -15.71 -22.93 12.48
N GLN C 36 -14.92 -23.94 12.13
CA GLN C 36 -14.08 -23.85 10.90
C GLN C 36 -14.73 -24.60 9.74
N LEU C 37 -15.73 -25.43 10.01
CA LEU C 37 -16.44 -26.21 8.98
C LEU C 37 -17.77 -26.69 9.53
N VAL C 38 -18.81 -26.44 8.75
CA VAL C 38 -20.17 -26.98 8.90
C VAL C 38 -20.38 -27.84 7.66
N GLN C 39 -20.85 -29.08 7.79
CA GLN C 39 -21.18 -29.90 6.56
C GLN C 39 -22.63 -29.69 6.16
N ALA C 40 -22.89 -29.63 4.86
CA ALA C 40 -24.25 -29.58 4.28
C ALA C 40 -25.08 -30.71 4.83
N ASN C 41 -26.37 -30.48 5.06
N ASN C 41 -26.40 -30.45 4.90
CA ASN C 41 -27.35 -31.56 5.36
CA ASN C 41 -27.46 -31.31 5.47
C ASN C 41 -27.19 -32.07 6.81
C ASN C 41 -26.89 -32.14 6.62
N SER C 42 -26.32 -31.45 7.60
CA SER C 42 -25.94 -32.02 8.93
C SER C 42 -26.87 -31.41 9.96
N PRO C 43 -27.00 -31.97 11.16
CA PRO C 43 -27.68 -31.28 12.26
C PRO C 43 -27.22 -29.82 12.45
N ALA C 44 -25.89 -29.62 12.39
CA ALA C 44 -25.28 -28.30 12.62
C ALA C 44 -25.81 -27.35 11.56
N SER C 45 -25.77 -27.70 10.26
CA SER C 45 -26.27 -26.80 9.20
C SER C 45 -27.74 -26.52 9.49
N LEU C 46 -28.53 -27.55 9.86
CA LEU C 46 -29.99 -27.43 9.87
C LEU C 46 -30.40 -26.48 10.98
N VAL C 47 -29.72 -26.47 12.13
CA VAL C 47 -30.07 -25.55 13.25
C VAL C 47 -29.48 -24.17 12.98
N GLY C 48 -28.73 -24.01 11.89
CA GLY C 48 -28.24 -22.69 11.45
C GLY C 48 -26.82 -22.35 11.85
N LEU C 49 -25.97 -23.30 12.28
CA LEU C 49 -24.54 -22.96 12.52
C LEU C 49 -23.83 -22.59 11.22
N ARG C 50 -22.92 -21.64 11.32
CA ARG C 50 -22.19 -21.08 10.15
C ARG C 50 -20.72 -21.00 10.45
N PHE C 51 -19.94 -21.12 9.36
CA PHE C 51 -18.51 -20.87 9.39
C PHE C 51 -18.33 -19.58 10.20
N GLY C 52 -17.36 -19.54 11.09
CA GLY C 52 -16.95 -18.31 11.80
C GLY C 52 -17.73 -18.11 13.12
N ASP C 53 -18.77 -18.92 13.37
CA ASP C 53 -19.58 -18.75 14.61
C ASP C 53 -18.70 -19.07 15.83
N GLN C 54 -18.89 -18.35 16.91
CA GLN C 54 -18.20 -18.57 18.18
C GLN C 54 -19.11 -19.41 19.08
N VAL C 55 -18.58 -20.53 19.60
CA VAL C 55 -19.20 -21.39 20.63
C VAL C 55 -18.72 -20.92 22.02
N LEU C 56 -19.63 -20.35 22.77
CA LEU C 56 -19.31 -19.81 24.13
C LEU C 56 -19.46 -20.94 25.16
N GLN C 57 -20.44 -21.81 24.95
CA GLN C 57 -20.78 -22.95 25.86
C GLN C 57 -21.28 -24.15 25.04
N ILE C 58 -20.92 -25.34 25.52
CA ILE C 58 -21.44 -26.65 25.09
C ILE C 58 -22.06 -27.31 26.33
N ASN C 59 -23.37 -27.56 26.33
CA ASN C 59 -24.06 -28.21 27.48
C ASN C 59 -23.80 -27.37 28.75
N GLY C 60 -23.84 -26.04 28.60
CA GLY C 60 -23.70 -25.03 29.67
C GLY C 60 -22.32 -24.99 30.32
N GLU C 61 -21.30 -25.66 29.78
CA GLU C 61 -19.89 -25.43 30.22
C GLU C 61 -19.28 -24.43 29.26
N ASN C 62 -18.43 -23.55 29.79
CA ASN C 62 -17.72 -22.50 29.03
C ASN C 62 -16.64 -23.09 28.12
N CYS C 63 -16.58 -22.70 26.84
CA CYS C 63 -15.50 -23.18 25.91
C CYS C 63 -14.18 -22.40 26.08
N ALA C 64 -14.13 -21.38 26.94
CA ALA C 64 -12.95 -20.49 27.00
C ALA C 64 -11.66 -21.29 27.32
N GLY C 65 -10.61 -21.10 26.53
CA GLY C 65 -9.31 -21.74 26.76
C GLY C 65 -9.24 -23.18 26.29
N TRP C 66 -10.34 -23.78 25.80
CA TRP C 66 -10.35 -25.15 25.26
C TRP C 66 -9.49 -25.20 24.00
N SER C 67 -8.65 -26.23 23.87
CA SER C 67 -8.02 -26.61 22.59
C SER C 67 -9.07 -27.17 21.65
N SER C 68 -8.73 -27.20 20.36
CA SER C 68 -9.60 -27.80 19.32
C SER C 68 -9.92 -29.28 19.69
N ASP C 69 -8.87 -30.03 20.06
CA ASP C 69 -8.88 -31.43 20.57
C ASP C 69 -9.92 -31.56 21.68
N LYS C 70 -9.86 -30.68 22.68
CA LYS C 70 -10.81 -30.78 23.81
C LYS C 70 -12.26 -30.54 23.36
N ALA C 71 -12.52 -29.53 22.53
CA ALA C 71 -13.89 -29.25 22.05
C ALA C 71 -14.44 -30.49 21.31
N HIS C 72 -13.64 -31.08 20.44
CA HIS C 72 -14.06 -32.30 19.67
C HIS C 72 -14.32 -33.45 20.65
N LYS C 73 -13.47 -33.65 21.62
CA LYS C 73 -13.61 -34.81 22.56
C LYS C 73 -14.91 -34.62 23.36
N VAL C 74 -15.18 -33.41 23.83
CA VAL C 74 -16.43 -33.07 24.58
C VAL C 74 -17.67 -33.40 23.73
N LEU C 75 -17.69 -33.04 22.44
CA LEU C 75 -18.86 -33.27 21.57
C LEU C 75 -18.96 -34.78 21.27
N LYS C 76 -17.82 -35.43 21.04
CA LYS C 76 -17.73 -36.88 20.70
C LYS C 76 -18.38 -37.66 21.85
N GLN C 77 -18.09 -37.26 23.09
CA GLN C 77 -18.54 -37.88 24.38
C GLN C 77 -19.90 -37.41 24.84
N ALA C 78 -20.48 -36.38 24.19
CA ALA C 78 -21.84 -35.89 24.54
C ALA C 78 -22.86 -36.93 24.08
N PHE C 79 -23.63 -37.43 25.03
CA PHE C 79 -24.74 -38.40 24.83
C PHE C 79 -25.86 -38.07 25.82
N GLY C 80 -26.62 -37.01 25.56
CA GLY C 80 -27.89 -36.72 26.24
C GLY C 80 -29.02 -37.26 25.40
N GLU C 81 -30.08 -36.47 25.22
CA GLU C 81 -30.97 -36.53 24.01
C GLU C 81 -30.64 -35.31 23.13
N LYS C 82 -30.08 -34.29 23.75
CA LYS C 82 -29.89 -33.00 23.07
C LYS C 82 -28.52 -32.47 23.48
N ILE C 83 -27.95 -31.69 22.60
CA ILE C 83 -26.69 -30.94 22.84
C ILE C 83 -27.13 -29.50 22.67
N THR C 84 -26.82 -28.68 23.65
CA THR C 84 -27.07 -27.22 23.64
C THR C 84 -25.73 -26.49 23.43
N MET C 85 -25.75 -25.48 22.60
CA MET C 85 -24.60 -24.58 22.38
C MET C 85 -25.09 -23.15 22.55
N THR C 86 -24.28 -22.35 23.23
CA THR C 86 -24.38 -20.87 23.17
C THR C 86 -23.42 -20.33 22.11
N ILE C 87 -23.95 -19.53 21.21
CA ILE C 87 -23.29 -19.08 19.97
C ILE C 87 -23.28 -17.55 19.93
N ARG C 88 -22.17 -16.98 19.49
CA ARG C 88 -22.10 -15.54 19.07
C ARG C 88 -21.94 -15.60 17.56
N ASP C 89 -22.81 -14.89 16.88
CA ASP C 89 -22.93 -14.87 15.41
C ASP C 89 -21.63 -14.33 14.81
N ARG C 90 -20.95 -15.14 14.00
CA ARG C 90 -19.84 -14.73 13.11
C ARG C 90 -19.12 -13.46 13.53
N PRO C 91 -18.49 -13.40 14.72
CA PRO C 91 -17.92 -12.17 15.28
C PRO C 91 -16.66 -11.62 14.58
N PHE C 92 -15.97 -12.40 13.71
CA PHE C 92 -14.78 -11.86 13.02
C PHE C 92 -15.26 -11.30 11.69
N GLU C 93 -16.57 -11.37 11.41
CA GLU C 93 -17.03 -11.05 10.05
C GLU C 93 -17.92 -9.82 10.05
N ARG C 94 -18.07 -9.20 8.87
N ARG C 94 -18.06 -9.19 8.89
CA ARG C 94 -18.92 -8.03 8.60
CA ARG C 94 -18.94 -8.02 8.64
C ARG C 94 -19.54 -8.20 7.21
C ARG C 94 -19.51 -8.15 7.21
N THR C 95 -20.70 -7.60 6.99
CA THR C 95 -21.38 -7.64 5.66
C THR C 95 -21.31 -6.25 5.06
N ILE C 96 -21.01 -6.18 3.78
CA ILE C 96 -20.97 -4.94 2.96
C ILE C 96 -22.05 -5.10 1.90
N THR C 97 -22.95 -4.15 1.79
CA THR C 97 -24.01 -4.13 0.75
C THR C 97 -23.61 -3.17 -0.38
N MET C 98 -23.55 -3.66 -1.61
CA MET C 98 -23.16 -2.92 -2.82
C MET C 98 -24.23 -3.06 -3.91
N HIS C 99 -24.28 -2.08 -4.83
CA HIS C 99 -25.18 -2.07 -6.03
C HIS C 99 -24.28 -2.16 -7.28
N LYS C 100 -24.55 -3.09 -8.20
CA LYS C 100 -23.66 -3.25 -9.39
C LYS C 100 -23.77 -1.98 -10.26
N ASP C 101 -22.76 -1.66 -11.03
CA ASP C 101 -22.86 -0.52 -11.98
C ASP C 101 -23.81 -0.90 -13.13
N SER C 102 -23.97 0.01 -14.09
CA SER C 102 -24.83 -0.15 -15.28
C SER C 102 -24.42 -1.42 -16.05
N THR C 103 -23.18 -1.87 -15.93
CA THR C 103 -22.64 -3.00 -16.74
C THR C 103 -22.53 -4.25 -15.86
N GLY C 104 -23.02 -4.25 -14.62
CA GLY C 104 -23.03 -5.49 -13.80
C GLY C 104 -21.73 -5.78 -13.06
N HIS C 105 -20.84 -4.79 -12.89
CA HIS C 105 -19.64 -4.88 -12.03
C HIS C 105 -19.92 -4.28 -10.64
N VAL C 106 -19.36 -4.88 -9.57
CA VAL C 106 -19.59 -4.50 -8.12
C VAL C 106 -18.55 -3.46 -7.71
N GLY C 107 -17.35 -3.73 -8.24
CA GLY C 107 -16.19 -2.82 -8.27
C GLY C 107 -14.99 -3.41 -7.54
N PHE C 108 -14.67 -4.69 -7.70
CA PHE C 108 -13.53 -5.31 -6.98
C PHE C 108 -12.99 -6.52 -7.73
N ILE C 109 -11.72 -6.76 -7.49
CA ILE C 109 -10.94 -7.92 -7.99
C ILE C 109 -10.65 -8.84 -6.81
N PHE C 110 -10.70 -10.16 -7.00
CA PHE C 110 -10.29 -11.11 -5.92
C PHE C 110 -9.45 -12.26 -6.49
N LYS C 111 -8.68 -12.94 -5.63
CA LYS C 111 -7.84 -14.12 -6.01
C LYS C 111 -7.80 -15.09 -4.85
N ASN C 112 -8.24 -16.34 -5.03
CA ASN C 112 -8.34 -17.37 -3.94
C ASN C 112 -9.32 -16.84 -2.86
N GLY C 113 -10.39 -16.16 -3.30
CA GLY C 113 -11.48 -15.62 -2.46
C GLY C 113 -11.09 -14.38 -1.68
N LYS C 114 -9.86 -13.87 -1.88
CA LYS C 114 -9.36 -12.70 -1.10
C LYS C 114 -9.41 -11.46 -2.00
N ILE C 115 -10.09 -10.43 -1.54
CA ILE C 115 -10.23 -9.14 -2.29
C ILE C 115 -8.85 -8.51 -2.38
N THR C 116 -8.41 -8.12 -3.59
CA THR C 116 -7.01 -7.69 -3.85
C THR C 116 -7.05 -6.28 -4.40
N SER C 117 -8.14 -5.86 -5.05
CA SER C 117 -8.22 -4.42 -5.40
C SER C 117 -9.66 -3.92 -5.48
N ILE C 118 -9.84 -2.65 -5.16
CA ILE C 118 -11.14 -1.94 -5.27
C ILE C 118 -11.09 -1.00 -6.45
N VAL C 119 -12.12 -1.00 -7.28
CA VAL C 119 -12.27 -0.01 -8.38
C VAL C 119 -12.62 1.33 -7.71
N LYS C 120 -11.88 2.39 -8.05
CA LYS C 120 -12.25 3.80 -7.74
C LYS C 120 -13.61 4.07 -8.37
N ASP C 121 -14.50 4.76 -7.62
CA ASP C 121 -15.82 5.27 -8.07
C ASP C 121 -16.82 4.10 -8.23
N SER C 122 -16.57 2.96 -7.59
CA SER C 122 -17.52 1.82 -7.51
C SER C 122 -18.36 1.89 -6.23
N SER C 123 -19.48 1.18 -6.25
CA SER C 123 -20.29 0.96 -5.02
C SER C 123 -19.40 0.31 -3.94
N ALA C 124 -18.52 -0.61 -4.32
CA ALA C 124 -17.56 -1.24 -3.39
C ALA C 124 -16.74 -0.14 -2.65
N ALA C 125 -16.14 0.78 -3.41
CA ALA C 125 -15.41 1.96 -2.84
C ALA C 125 -16.38 2.81 -1.99
N ARG C 126 -17.55 3.22 -2.49
CA ARG C 126 -18.52 4.07 -1.73
C ARG C 126 -18.87 3.37 -0.43
N ASN C 127 -18.95 2.04 -0.42
CA ASN C 127 -19.29 1.25 0.80
C ASN C 127 -18.03 0.76 1.56
N GLY C 128 -16.83 1.16 1.10
CA GLY C 128 -15.56 0.92 1.82
C GLY C 128 -15.33 -0.57 2.09
N LEU C 129 -15.59 -1.40 1.06
CA LEU C 129 -15.00 -2.75 0.97
C LEU C 129 -13.49 -2.55 1.09
N LEU C 130 -12.80 -3.50 1.68
CA LEU C 130 -11.36 -3.50 1.99
C LEU C 130 -10.68 -4.62 1.23
N THR C 131 -9.37 -4.48 0.98
CA THR C 131 -8.51 -5.52 0.40
C THR C 131 -8.03 -6.35 1.56
N GLU C 132 -7.28 -7.42 1.30
CA GLU C 132 -6.74 -8.31 2.33
C GLU C 132 -7.89 -8.83 3.20
N HIS C 133 -9.06 -9.04 2.59
CA HIS C 133 -10.21 -9.63 3.29
C HIS C 133 -10.73 -10.83 2.49
N ASN C 134 -11.01 -11.95 3.16
CA ASN C 134 -11.58 -13.16 2.51
C ASN C 134 -13.11 -13.07 2.41
N ILE C 135 -13.66 -13.45 1.29
CA ILE C 135 -15.10 -13.48 1.05
C ILE C 135 -15.60 -14.81 1.64
N CYS C 136 -16.44 -14.76 2.65
CA CYS C 136 -16.98 -15.91 3.38
C CYS C 136 -18.35 -16.28 2.77
N GLU C 137 -19.16 -15.29 2.42
CA GLU C 137 -20.54 -15.50 1.95
C GLU C 137 -20.86 -14.44 0.88
N ILE C 138 -21.78 -14.78 -0.02
CA ILE C 138 -22.46 -13.83 -0.94
C ILE C 138 -23.95 -14.02 -0.76
N ASN C 139 -24.68 -12.97 -0.50
CA ASN C 139 -26.13 -13.04 -0.21
C ASN C 139 -26.39 -14.18 0.76
N GLY C 140 -25.57 -14.37 1.79
CA GLY C 140 -25.89 -15.32 2.88
C GLY C 140 -25.46 -16.74 2.58
N GLN C 141 -25.00 -17.00 1.37
CA GLN C 141 -24.51 -18.32 0.96
C GLN C 141 -22.99 -18.41 1.19
N ASN C 142 -22.58 -19.39 2.00
CA ASN C 142 -21.15 -19.70 2.22
C ASN C 142 -20.54 -20.00 0.84
N VAL C 143 -19.40 -19.41 0.51
CA VAL C 143 -18.67 -19.71 -0.75
C VAL C 143 -17.25 -20.18 -0.42
N ILE C 144 -17.02 -20.61 0.81
CA ILE C 144 -15.64 -20.99 1.25
C ILE C 144 -15.27 -22.34 0.66
N GLY C 145 -14.14 -22.32 -0.06
CA GLY C 145 -13.57 -23.46 -0.77
C GLY C 145 -14.11 -23.58 -2.19
N LEU C 146 -15.02 -22.72 -2.65
CA LEU C 146 -15.35 -22.67 -4.09
C LEU C 146 -14.22 -22.06 -4.90
N LYS C 147 -14.14 -22.42 -6.17
CA LYS C 147 -13.10 -21.86 -7.06
C LYS C 147 -13.45 -20.42 -7.32
N ASP C 148 -12.48 -19.60 -7.71
CA ASP C 148 -12.72 -18.17 -8.04
C ASP C 148 -13.77 -18.07 -9.14
N SER C 149 -13.75 -18.94 -10.17
CA SER C 149 -14.75 -18.89 -11.28
C SER C 149 -16.14 -19.19 -10.76
N GLN C 150 -16.30 -20.03 -9.73
CA GLN C 150 -17.63 -20.26 -9.12
C GLN C 150 -18.07 -19.03 -8.30
N ILE C 151 -17.16 -18.36 -7.57
CA ILE C 151 -17.54 -17.16 -6.76
C ILE C 151 -18.00 -16.08 -7.75
N ALA C 152 -17.27 -15.91 -8.86
CA ALA C 152 -17.59 -14.86 -9.86
C ALA C 152 -18.96 -15.17 -10.50
N ASP C 153 -19.21 -16.43 -10.81
CA ASP C 153 -20.47 -16.88 -11.43
C ASP C 153 -21.63 -16.57 -10.47
N ILE C 154 -21.45 -16.79 -9.17
CA ILE C 154 -22.45 -16.45 -8.11
C ILE C 154 -22.68 -14.96 -8.08
N LEU C 155 -21.60 -14.16 -8.16
CA LEU C 155 -21.77 -12.70 -8.15
C LEU C 155 -22.57 -12.26 -9.37
N SER C 156 -22.23 -12.78 -10.57
CA SER C 156 -22.92 -12.44 -11.84
C SER C 156 -24.42 -12.67 -11.68
N THR C 157 -24.80 -13.85 -11.20
CA THR C 157 -26.22 -14.28 -11.13
C THR C 157 -26.92 -13.78 -9.86
N SER C 158 -26.24 -13.00 -9.02
CA SER C 158 -26.87 -12.23 -7.93
C SER C 158 -27.64 -11.05 -8.57
N GLY C 159 -28.57 -10.45 -7.83
CA GLY C 159 -29.30 -9.29 -8.37
C GLY C 159 -28.35 -8.13 -8.61
N THR C 160 -28.88 -6.93 -8.69
CA THR C 160 -28.04 -5.71 -8.79
C THR C 160 -27.52 -5.37 -7.37
N VAL C 161 -28.29 -5.69 -6.33
CA VAL C 161 -27.90 -5.53 -4.90
C VAL C 161 -27.22 -6.82 -4.38
N VAL C 162 -25.99 -6.70 -3.91
CA VAL C 162 -25.09 -7.83 -3.57
C VAL C 162 -24.57 -7.57 -2.16
N THR C 163 -24.79 -8.51 -1.25
CA THR C 163 -24.25 -8.49 0.11
C THR C 163 -23.08 -9.46 0.15
N ILE C 164 -21.93 -8.98 0.57
CA ILE C 164 -20.69 -9.82 0.72
C ILE C 164 -20.34 -9.86 2.20
N THR C 165 -20.05 -11.02 2.73
CA THR C 165 -19.70 -11.18 4.16
C THR C 165 -18.22 -11.43 4.12
N ILE C 166 -17.43 -10.58 4.78
CA ILE C 166 -15.96 -10.66 4.68
C ILE C 166 -15.33 -10.87 6.06
N MET C 167 -14.05 -11.23 6.04
CA MET C 167 -13.24 -11.50 7.25
C MET C 167 -11.82 -11.09 6.92
N PRO C 168 -11.14 -10.37 7.82
CA PRO C 168 -9.76 -10.00 7.58
C PRO C 168 -8.99 -11.28 7.27
N ALA C 169 -8.14 -11.22 6.24
CA ALA C 169 -7.39 -12.37 5.68
C ALA C 169 -6.61 -13.14 6.75
N PHE C 170 -5.91 -12.44 7.64
N PHE C 170 -5.86 -12.45 7.61
CA PHE C 170 -5.01 -13.04 8.65
CA PHE C 170 -5.00 -13.09 8.64
C PHE C 170 -5.83 -13.87 9.65
C PHE C 170 -5.88 -13.97 9.53
N ILE C 171 -7.10 -13.52 9.84
CA ILE C 171 -8.00 -14.26 10.78
C ILE C 171 -8.53 -15.49 10.06
N PHE C 172 -8.90 -15.30 8.79
CA PHE C 172 -9.40 -16.40 7.93
C PHE C 172 -8.37 -17.53 7.86
N GLU C 173 -7.13 -17.14 7.58
CA GLU C 173 -5.99 -18.08 7.43
C GLU C 173 -5.78 -18.80 8.75
N HIS C 174 -6.05 -18.18 9.87
CA HIS C 174 -5.89 -18.83 11.20
C HIS C 174 -7.03 -19.81 11.43
N ILE C 175 -8.27 -19.46 11.03
CA ILE C 175 -9.42 -20.33 11.34
C ILE C 175 -9.31 -21.62 10.51
N ILE C 176 -8.77 -21.57 9.30
CA ILE C 176 -8.74 -22.75 8.39
C ILE C 176 -7.46 -23.60 8.58
N LYS C 177 -6.57 -23.24 9.51
CA LYS C 177 -5.48 -24.13 10.01
C LYS C 177 -6.06 -25.41 10.58
N ARG C 178 -5.30 -26.53 10.48
CA ARG C 178 -5.71 -27.85 11.01
C ARG C 178 -6.81 -28.44 10.14
N MET C 179 -6.98 -27.95 8.90
CA MET C 179 -7.94 -28.48 7.89
C MET C 179 -7.21 -28.50 6.54
N ALA C 180 -7.26 -29.60 5.80
CA ALA C 180 -6.63 -29.77 4.47
C ALA C 180 -7.50 -29.02 3.50
N PRO C 181 -6.93 -28.25 2.55
CA PRO C 181 -7.73 -27.57 1.53
C PRO C 181 -8.74 -28.50 0.82
N SER C 182 -8.37 -29.75 0.51
CA SER C 182 -9.25 -30.74 -0.19
C SER C 182 -10.47 -31.15 0.66
N ILE C 183 -10.34 -31.22 2.00
CA ILE C 183 -11.48 -31.51 2.92
C ILE C 183 -12.45 -30.33 2.94
N MET C 184 -11.93 -29.11 3.07
CA MET C 184 -12.76 -27.88 3.14
C MET C 184 -13.60 -27.76 1.85
N LYS C 185 -12.98 -27.98 0.70
CA LYS C 185 -13.65 -27.88 -0.62
C LYS C 185 -14.75 -28.96 -0.73
N SER C 186 -14.49 -30.21 -0.34
CA SER C 186 -15.49 -31.32 -0.48
C SER C 186 -16.67 -31.19 0.51
N LEU C 187 -16.47 -30.76 1.75
CA LEU C 187 -17.45 -30.92 2.87
C LEU C 187 -18.14 -29.61 3.26
N MET C 188 -17.53 -28.45 2.98
CA MET C 188 -18.10 -27.14 3.42
C MET C 188 -19.52 -26.94 2.88
N ASP C 189 -20.43 -26.69 3.79
CA ASP C 189 -21.82 -26.29 3.50
C ASP C 189 -21.83 -25.15 2.47
N HIS C 190 -22.51 -25.32 1.33
CA HIS C 190 -22.80 -24.21 0.39
C HIS C 190 -24.32 -24.11 0.16
N THR C 191 -25.10 -24.58 1.12
CA THR C 191 -26.58 -24.70 1.06
C THR C 191 -27.19 -23.28 1.02
N ILE C 192 -28.27 -23.11 0.25
CA ILE C 192 -29.18 -21.94 0.29
C ILE C 192 -30.35 -22.45 1.13
N PRO C 193 -30.44 -22.16 2.44
CA PRO C 193 -31.38 -22.86 3.30
C PRO C 193 -32.83 -22.60 2.87
N GLU C 194 -33.06 -21.37 2.39
CA GLU C 194 -34.40 -20.81 2.12
C GLU C 194 -34.25 -19.72 1.07
N VAL C 195 -35.34 -19.37 0.40
CA VAL C 195 -35.33 -18.42 -0.74
C VAL C 195 -36.57 -17.52 -0.62
N ILE D 5 -0.33 -14.64 -38.25
CA ILE D 5 0.81 -14.92 -39.20
C ILE D 5 0.25 -14.91 -40.63
N LYS D 6 0.74 -13.99 -41.47
CA LYS D 6 0.35 -13.86 -42.91
C LYS D 6 1.20 -14.81 -43.76
N GLN D 7 0.59 -15.86 -44.32
CA GLN D 7 1.25 -16.77 -45.31
C GLN D 7 1.92 -15.89 -46.39
N GLY D 8 2.53 -16.53 -47.38
CA GLY D 8 3.16 -15.84 -48.51
C GLY D 8 4.13 -14.76 -48.05
N ILE D 9 4.84 -14.23 -49.03
CA ILE D 9 6.02 -13.34 -48.91
C ILE D 9 5.57 -11.90 -49.19
N ARG D 10 6.25 -10.91 -48.61
CA ARG D 10 6.04 -9.50 -48.99
C ARG D 10 7.38 -8.78 -49.09
N GLU D 11 7.33 -7.65 -49.78
CA GLU D 11 8.51 -6.78 -49.96
C GLU D 11 8.36 -5.68 -48.93
N VAL D 12 9.45 -5.29 -48.29
CA VAL D 12 9.52 -4.03 -47.53
C VAL D 12 10.68 -3.22 -48.11
N ILE D 13 10.51 -1.90 -48.10
CA ILE D 13 11.47 -0.91 -48.63
C ILE D 13 11.62 0.04 -47.46
N LEU D 14 12.84 0.30 -47.03
CA LEU D 14 13.14 1.27 -45.94
C LEU D 14 14.43 2.02 -46.29
N CYS D 15 14.72 3.05 -45.50
CA CYS D 15 15.88 3.93 -45.69
C CYS D 15 16.61 3.92 -44.36
N LYS D 16 17.91 3.86 -44.37
CA LYS D 16 18.73 4.05 -43.16
C LYS D 16 18.40 5.42 -42.57
N ASP D 17 18.45 5.54 -41.24
CA ASP D 17 18.29 6.83 -40.55
C ASP D 17 19.61 7.64 -40.66
N GLN D 18 19.76 8.70 -39.87
CA GLN D 18 20.90 9.65 -40.03
C GLN D 18 22.18 8.99 -39.50
N ASP D 19 22.06 8.01 -38.59
CA ASP D 19 23.24 7.28 -38.08
C ASP D 19 23.65 6.18 -39.06
N GLY D 20 22.97 6.06 -40.21
CA GLY D 20 23.17 4.93 -41.13
C GLY D 20 22.65 3.63 -40.54
N LYS D 21 21.60 3.67 -39.71
CA LYS D 21 21.08 2.45 -39.00
C LYS D 21 19.62 2.19 -39.42
N ILE D 22 19.22 0.92 -39.39
CA ILE D 22 17.85 0.52 -39.74
C ILE D 22 17.13 -0.05 -38.51
N GLY D 23 17.82 -0.54 -37.50
CA GLY D 23 17.21 -0.99 -36.22
C GLY D 23 16.94 -2.51 -36.20
N LEU D 24 17.90 -3.33 -36.66
CA LEU D 24 17.72 -4.80 -36.80
C LEU D 24 18.92 -5.54 -36.25
N ARG D 25 18.67 -6.78 -35.78
CA ARG D 25 19.66 -7.83 -35.55
C ARG D 25 19.11 -9.08 -36.26
N LEU D 26 19.97 -9.75 -37.01
CA LEU D 26 19.65 -10.91 -37.83
C LEU D 26 20.38 -12.11 -37.28
N LYS D 27 19.82 -13.31 -37.50
CA LYS D 27 20.40 -14.53 -36.96
C LYS D 27 20.22 -15.63 -38.02
N SER D 28 21.32 -16.30 -38.34
CA SER D 28 21.43 -17.55 -39.08
C SER D 28 20.79 -18.71 -38.29
N ILE D 29 19.74 -19.31 -38.86
CA ILE D 29 19.01 -20.50 -38.34
C ILE D 29 18.69 -21.39 -39.54
N ASP D 30 19.20 -22.62 -39.50
CA ASP D 30 18.83 -23.68 -40.45
C ASP D 30 19.03 -23.15 -41.88
N ASN D 31 20.12 -22.41 -42.12
CA ASN D 31 20.55 -21.89 -43.45
C ASN D 31 19.61 -20.81 -43.99
N GLY D 32 18.80 -20.30 -43.08
CA GLY D 32 17.94 -19.12 -43.24
C GLY D 32 18.48 -17.94 -42.48
N ILE D 33 17.86 -16.78 -42.72
CA ILE D 33 18.18 -15.56 -41.92
C ILE D 33 16.87 -15.04 -41.29
N PHE D 34 16.89 -14.82 -39.98
CA PHE D 34 15.72 -14.44 -39.19
C PHE D 34 16.02 -13.18 -38.37
N VAL D 35 14.97 -12.41 -38.11
CA VAL D 35 15.05 -11.17 -37.28
C VAL D 35 15.13 -11.60 -35.82
N GLN D 36 16.19 -11.27 -35.11
CA GLN D 36 16.22 -11.54 -33.63
C GLN D 36 15.95 -10.27 -32.82
N LEU D 37 16.02 -9.13 -33.47
CA LEU D 37 15.68 -7.86 -32.80
C LEU D 37 15.18 -6.85 -33.82
N VAL D 38 14.14 -6.14 -33.42
CA VAL D 38 13.61 -4.93 -34.09
C VAL D 38 13.64 -3.81 -33.05
N GLN D 39 14.34 -2.73 -33.36
CA GLN D 39 14.42 -1.54 -32.45
C GLN D 39 13.15 -0.68 -32.56
N ALA D 40 12.59 -0.41 -31.39
CA ALA D 40 11.63 0.67 -31.04
C ALA D 40 11.97 1.92 -31.86
N ASN D 41 11.04 2.35 -32.70
CA ASN D 41 10.99 3.72 -33.30
C ASN D 41 12.11 3.80 -34.33
N SER D 42 12.33 2.69 -35.03
CA SER D 42 13.43 2.53 -35.98
C SER D 42 12.80 2.48 -37.35
N PRO D 43 13.59 2.67 -38.42
CA PRO D 43 13.04 2.39 -39.74
C PRO D 43 12.44 0.98 -39.88
N ALA D 44 13.13 -0.03 -39.38
CA ALA D 44 12.62 -1.41 -39.48
C ALA D 44 11.21 -1.53 -38.85
N SER D 45 11.00 -1.04 -37.62
CA SER D 45 9.68 -1.09 -36.96
C SER D 45 8.67 -0.31 -37.81
N LEU D 46 9.06 0.86 -38.34
CA LEU D 46 8.07 1.73 -39.02
C LEU D 46 7.62 1.03 -40.28
N VAL D 47 8.41 0.12 -40.87
CA VAL D 47 7.92 -0.59 -42.10
C VAL D 47 7.27 -1.94 -41.71
N GLY D 48 7.17 -2.21 -40.41
CA GLY D 48 6.45 -3.37 -39.86
C GLY D 48 7.26 -4.66 -39.81
N LEU D 49 8.59 -4.61 -39.73
CA LEU D 49 9.37 -5.86 -39.50
C LEU D 49 9.11 -6.29 -38.05
N ARG D 50 9.13 -7.59 -37.81
CA ARG D 50 8.91 -8.23 -36.51
C ARG D 50 9.99 -9.27 -36.17
N PHE D 51 10.22 -9.42 -34.88
CA PHE D 51 10.94 -10.55 -34.26
C PHE D 51 10.44 -11.80 -34.96
N GLY D 52 11.35 -12.69 -35.35
CA GLY D 52 10.95 -13.99 -35.96
C GLY D 52 10.66 -13.90 -37.45
N ASP D 53 10.60 -12.73 -38.05
CA ASP D 53 10.46 -12.69 -39.53
C ASP D 53 11.68 -13.35 -40.18
N GLN D 54 11.48 -13.96 -41.34
CA GLN D 54 12.54 -14.56 -42.16
C GLN D 54 12.86 -13.59 -43.30
N VAL D 55 14.15 -13.36 -43.53
CA VAL D 55 14.63 -12.49 -44.61
C VAL D 55 15.12 -13.40 -45.71
N LEU D 56 14.43 -13.37 -46.84
CA LEU D 56 14.64 -14.26 -48.01
C LEU D 56 15.67 -13.62 -48.92
N GLN D 57 15.52 -12.33 -49.12
CA GLN D 57 16.41 -11.50 -49.97
C GLN D 57 16.65 -10.14 -49.32
N ILE D 58 17.83 -9.58 -49.55
CA ILE D 58 18.16 -8.15 -49.33
C ILE D 58 18.64 -7.55 -50.67
N ASN D 59 17.99 -6.48 -51.12
CA ASN D 59 18.27 -5.85 -52.44
C ASN D 59 18.33 -6.91 -53.53
N GLY D 60 17.41 -7.88 -53.53
CA GLY D 60 17.29 -8.93 -54.55
C GLY D 60 18.31 -10.03 -54.49
N GLU D 61 19.22 -10.05 -53.50
CA GLU D 61 20.20 -11.16 -53.27
C GLU D 61 19.66 -12.14 -52.21
N ASN D 62 19.78 -13.45 -52.46
CA ASN D 62 19.26 -14.51 -51.57
C ASN D 62 20.11 -14.55 -50.29
N CYS D 63 19.46 -14.62 -49.13
CA CYS D 63 20.14 -14.74 -47.81
C CYS D 63 20.51 -16.19 -47.47
N ALA D 64 20.03 -17.15 -48.23
CA ALA D 64 20.24 -18.61 -47.99
C ALA D 64 21.71 -18.89 -47.67
N GLY D 65 21.97 -19.57 -46.55
CA GLY D 65 23.31 -19.98 -46.09
C GLY D 65 24.19 -18.85 -45.53
N TRP D 66 23.73 -17.60 -45.50
CA TRP D 66 24.53 -16.44 -44.99
C TRP D 66 24.73 -16.65 -43.47
N SER D 67 25.94 -16.37 -42.96
CA SER D 67 26.16 -16.25 -41.47
C SER D 67 25.46 -14.97 -40.99
N SER D 68 25.16 -14.85 -39.71
CA SER D 68 24.72 -13.60 -39.08
C SER D 68 25.64 -12.43 -39.46
N ASP D 69 26.96 -12.59 -39.28
CA ASP D 69 27.99 -11.57 -39.61
C ASP D 69 27.84 -11.12 -41.08
N LYS D 70 27.72 -12.06 -42.00
CA LYS D 70 27.53 -11.67 -43.40
C LYS D 70 26.26 -10.81 -43.53
N ALA D 71 25.12 -11.28 -43.05
CA ALA D 71 23.85 -10.54 -43.32
C ALA D 71 24.02 -9.12 -42.77
N HIS D 72 24.65 -9.00 -41.59
CA HIS D 72 24.97 -7.69 -40.96
C HIS D 72 25.84 -6.85 -41.90
N LYS D 73 26.91 -7.42 -42.46
CA LYS D 73 27.89 -6.64 -43.27
C LYS D 73 27.18 -6.13 -44.53
N VAL D 74 26.34 -6.98 -45.11
CA VAL D 74 25.56 -6.63 -46.33
C VAL D 74 24.67 -5.42 -46.04
N LEU D 75 24.03 -5.37 -44.87
CA LEU D 75 23.12 -4.24 -44.56
C LEU D 75 23.94 -2.97 -44.33
N LYS D 76 25.08 -3.09 -43.64
CA LYS D 76 26.05 -1.98 -43.44
C LYS D 76 26.49 -1.45 -44.80
N GLN D 77 26.92 -2.32 -45.72
CA GLN D 77 27.48 -1.91 -47.04
C GLN D 77 26.40 -1.30 -47.94
N ALA D 78 25.11 -1.64 -47.75
CA ALA D 78 24.05 -1.24 -48.69
C ALA D 78 23.88 0.28 -48.71
N PHE D 79 23.97 0.88 -49.90
CA PHE D 79 23.68 2.33 -50.04
C PHE D 79 22.32 2.57 -49.34
N GLY D 80 22.24 3.65 -48.57
CA GLY D 80 21.19 3.86 -47.57
C GLY D 80 19.87 4.22 -48.23
N GLU D 81 19.95 4.73 -49.49
CA GLU D 81 18.86 5.41 -50.27
C GLU D 81 17.54 4.62 -50.14
N LYS D 82 17.49 3.40 -50.72
CA LYS D 82 16.40 2.41 -50.55
C LYS D 82 17.02 1.04 -50.34
N ILE D 83 16.60 0.34 -49.30
CA ILE D 83 16.94 -1.10 -49.11
C ILE D 83 15.65 -1.88 -49.31
N THR D 84 15.68 -2.92 -50.10
CA THR D 84 14.51 -3.79 -50.28
C THR D 84 14.80 -5.09 -49.55
N MET D 85 13.79 -5.68 -48.94
CA MET D 85 13.89 -7.00 -48.28
C MET D 85 12.62 -7.80 -48.59
N THR D 86 12.81 -9.06 -48.96
CA THR D 86 11.72 -10.01 -49.19
C THR D 86 11.67 -10.81 -47.89
N ILE D 87 10.50 -10.81 -47.28
CA ILE D 87 10.21 -11.22 -45.89
C ILE D 87 9.18 -12.33 -45.95
N ARG D 88 9.40 -13.41 -45.21
CA ARG D 88 8.34 -14.40 -44.92
C ARG D 88 7.90 -14.17 -43.48
N ASP D 89 6.60 -14.07 -43.25
CA ASP D 89 6.02 -13.66 -41.95
C ASP D 89 6.28 -14.73 -40.88
N ARG D 90 7.00 -14.36 -39.82
CA ARG D 90 7.20 -15.13 -38.56
C ARG D 90 6.95 -16.63 -38.76
N PRO D 91 7.73 -17.34 -39.59
CA PRO D 91 7.43 -18.72 -39.90
C PRO D 91 7.57 -19.76 -38.79
N PHE D 92 8.28 -19.44 -37.71
CA PHE D 92 8.45 -20.41 -36.62
C PHE D 92 7.36 -20.20 -35.60
N GLU D 93 6.43 -19.28 -35.84
CA GLU D 93 5.44 -18.91 -34.80
C GLU D 93 4.03 -19.26 -35.27
N ARG D 94 3.09 -19.28 -34.33
CA ARG D 94 1.65 -19.42 -34.62
C ARG D 94 0.89 -18.60 -33.61
N THR D 95 -0.35 -18.26 -33.94
CA THR D 95 -1.22 -17.53 -32.97
C THR D 95 -2.33 -18.41 -32.50
N ILE D 96 -2.61 -18.36 -31.21
CA ILE D 96 -3.77 -19.00 -30.57
C ILE D 96 -4.72 -17.91 -30.02
N THR D 97 -6.02 -17.92 -30.38
CA THR D 97 -7.07 -17.01 -29.85
C THR D 97 -7.79 -17.71 -28.69
N MET D 98 -7.84 -17.04 -27.54
CA MET D 98 -8.54 -17.56 -26.34
C MET D 98 -9.54 -16.49 -25.86
N HIS D 99 -10.42 -16.89 -24.94
CA HIS D 99 -11.50 -16.09 -24.30
C HIS D 99 -11.32 -16.19 -22.78
N LYS D 100 -11.11 -15.06 -22.12
CA LYS D 100 -11.02 -15.00 -20.65
C LYS D 100 -12.29 -15.60 -20.01
N ASP D 101 -12.09 -16.34 -18.95
CA ASP D 101 -13.18 -16.91 -18.11
C ASP D 101 -13.72 -15.77 -17.26
N SER D 102 -14.66 -16.06 -16.34
CA SER D 102 -15.28 -15.06 -15.42
C SER D 102 -14.24 -14.43 -14.48
N THR D 103 -13.11 -15.07 -14.22
CA THR D 103 -12.06 -14.46 -13.33
C THR D 103 -11.06 -13.59 -14.12
N GLY D 104 -11.11 -13.50 -15.47
CA GLY D 104 -10.12 -12.77 -16.31
C GLY D 104 -8.96 -13.65 -16.76
N HIS D 105 -9.07 -14.97 -16.71
CA HIS D 105 -7.98 -15.92 -17.03
C HIS D 105 -8.31 -16.74 -18.25
N VAL D 106 -7.27 -17.10 -18.97
CA VAL D 106 -7.45 -17.98 -20.15
C VAL D 106 -6.99 -19.39 -19.81
N GLY D 107 -6.20 -19.61 -18.74
CA GLY D 107 -5.89 -20.96 -18.28
C GLY D 107 -4.51 -21.46 -18.65
N PHE D 108 -3.44 -20.76 -18.28
CA PHE D 108 -2.08 -21.32 -18.33
C PHE D 108 -1.17 -20.65 -17.32
N ILE D 109 -0.09 -21.35 -17.01
CA ILE D 109 1.03 -20.89 -16.16
C ILE D 109 2.24 -20.68 -17.07
N PHE D 110 3.02 -19.64 -16.84
CA PHE D 110 4.29 -19.46 -17.57
C PHE D 110 5.38 -18.97 -16.62
N LYS D 111 6.61 -19.18 -17.04
CA LYS D 111 7.81 -18.69 -16.31
C LYS D 111 8.88 -18.35 -17.33
N ASN D 112 9.53 -17.21 -17.14
CA ASN D 112 10.52 -16.63 -18.06
C ASN D 112 9.91 -16.60 -19.46
N GLY D 113 8.64 -16.26 -19.60
CA GLY D 113 7.93 -16.19 -20.90
C GLY D 113 7.58 -17.57 -21.48
N LYS D 114 7.90 -18.67 -20.84
CA LYS D 114 7.67 -20.01 -21.41
C LYS D 114 6.44 -20.62 -20.73
N ILE D 115 5.50 -21.13 -21.52
CA ILE D 115 4.27 -21.79 -21.01
C ILE D 115 4.66 -23.12 -20.37
N THR D 116 4.27 -23.38 -19.12
CA THR D 116 4.71 -24.58 -18.40
C THR D 116 3.53 -25.48 -18.04
N SER D 117 2.30 -24.99 -17.90
CA SER D 117 1.12 -25.87 -17.77
C SER D 117 -0.16 -25.17 -18.24
N ILE D 118 -1.13 -25.99 -18.59
CA ILE D 118 -2.42 -25.63 -19.20
C ILE D 118 -3.46 -26.08 -18.18
N VAL D 119 -4.37 -25.19 -17.81
CA VAL D 119 -5.43 -25.44 -16.81
C VAL D 119 -6.49 -26.32 -17.49
N LYS D 120 -6.93 -27.37 -16.79
CA LYS D 120 -8.09 -28.22 -17.19
C LYS D 120 -9.34 -27.38 -17.53
N ASP D 121 -9.91 -27.68 -18.70
CA ASP D 121 -11.22 -27.17 -19.17
C ASP D 121 -11.15 -25.63 -19.23
N SER D 122 -9.98 -25.09 -19.53
CA SER D 122 -9.80 -23.65 -19.79
C SER D 122 -9.95 -23.37 -21.28
N SER D 123 -10.03 -22.08 -21.61
CA SER D 123 -9.93 -21.60 -23.00
C SER D 123 -8.57 -22.03 -23.60
N ALA D 124 -7.44 -21.88 -22.89
CA ALA D 124 -6.12 -22.43 -23.33
C ALA D 124 -6.27 -23.91 -23.74
N ALA D 125 -6.93 -24.71 -22.92
CA ALA D 125 -7.13 -26.17 -23.20
C ALA D 125 -7.94 -26.35 -24.49
N ARG D 126 -9.07 -25.65 -24.64
CA ARG D 126 -10.03 -25.81 -25.76
C ARG D 126 -9.31 -25.39 -27.03
N ASN D 127 -8.42 -24.39 -26.96
CA ASN D 127 -7.75 -23.88 -28.17
C ASN D 127 -6.44 -24.65 -28.39
N GLY D 128 -6.08 -25.59 -27.51
CA GLY D 128 -4.84 -26.39 -27.62
C GLY D 128 -3.54 -25.62 -27.60
N LEU D 129 -3.44 -24.71 -26.66
CA LEU D 129 -2.15 -24.06 -26.35
C LEU D 129 -1.25 -25.18 -25.89
N LEU D 130 0.04 -25.05 -26.11
CA LEU D 130 1.08 -26.06 -25.84
C LEU D 130 2.06 -25.55 -24.79
N THR D 131 2.63 -26.48 -24.03
CA THR D 131 3.76 -26.13 -23.13
C THR D 131 5.07 -26.22 -23.90
N GLU D 132 6.15 -25.86 -23.22
CA GLU D 132 7.50 -25.76 -23.83
C GLU D 132 7.46 -24.83 -25.04
N HIS D 133 6.64 -23.78 -24.95
CA HIS D 133 6.50 -22.77 -26.04
C HIS D 133 6.69 -21.38 -25.38
N ASN D 134 7.48 -20.54 -26.02
CA ASN D 134 7.72 -19.16 -25.56
C ASN D 134 6.65 -18.24 -26.15
N ILE D 135 6.26 -17.31 -25.28
CA ILE D 135 5.31 -16.26 -25.63
C ILE D 135 6.10 -15.18 -26.37
N CYS D 136 5.77 -14.91 -27.60
CA CYS D 136 6.50 -13.93 -28.41
C CYS D 136 5.67 -12.64 -28.42
N GLU D 137 4.36 -12.74 -28.58
CA GLU D 137 3.51 -11.55 -28.69
C GLU D 137 2.23 -11.80 -27.94
N ILE D 138 1.59 -10.71 -27.55
CA ILE D 138 0.21 -10.72 -27.01
C ILE D 138 -0.59 -9.65 -27.72
N ASN D 139 -1.70 -10.04 -28.36
CA ASN D 139 -2.44 -9.15 -29.26
C ASN D 139 -1.51 -8.42 -30.21
N GLY D 140 -0.55 -9.12 -30.77
CA GLY D 140 0.33 -8.47 -31.77
C GLY D 140 1.41 -7.57 -31.11
N GLN D 141 1.47 -7.46 -29.77
CA GLN D 141 2.57 -6.74 -29.11
C GLN D 141 3.70 -7.70 -28.76
N ASN D 142 4.90 -7.35 -29.20
CA ASN D 142 6.17 -8.07 -28.90
C ASN D 142 6.42 -7.94 -27.39
N VAL D 143 6.56 -9.08 -26.70
CA VAL D 143 6.90 -9.13 -25.24
C VAL D 143 8.29 -9.75 -25.01
N ILE D 144 9.15 -9.85 -26.03
CA ILE D 144 10.45 -10.53 -25.83
C ILE D 144 11.38 -9.66 -24.96
N GLY D 145 11.86 -10.25 -23.88
CA GLY D 145 12.75 -9.61 -22.90
C GLY D 145 12.00 -8.90 -21.78
N LEU D 146 10.67 -8.85 -21.82
CA LEU D 146 9.91 -8.30 -20.69
C LEU D 146 9.96 -9.29 -19.52
N LYS D 147 9.72 -8.76 -18.35
CA LYS D 147 9.61 -9.51 -17.09
C LYS D 147 8.28 -10.22 -17.09
N ASP D 148 8.21 -11.36 -16.42
CA ASP D 148 6.94 -12.10 -16.32
C ASP D 148 5.84 -11.16 -15.81
N SER D 149 6.15 -10.28 -14.87
CA SER D 149 5.12 -9.37 -14.28
C SER D 149 4.60 -8.44 -15.38
N GLN D 150 5.46 -8.00 -16.31
CA GLN D 150 4.97 -7.13 -17.41
C GLN D 150 4.07 -7.96 -18.34
N ILE D 151 4.44 -9.21 -18.56
CA ILE D 151 3.67 -10.08 -19.50
C ILE D 151 2.30 -10.26 -18.84
N ALA D 152 2.28 -10.50 -17.52
CA ALA D 152 1.01 -10.62 -16.77
C ALA D 152 0.15 -9.33 -16.90
N ASP D 153 0.78 -8.16 -16.77
CA ASP D 153 0.11 -6.84 -16.94
C ASP D 153 -0.55 -6.79 -18.33
N ILE D 154 0.18 -7.14 -19.38
CA ILE D 154 -0.36 -7.09 -20.77
C ILE D 154 -1.54 -8.08 -20.86
N LEU D 155 -1.43 -9.30 -20.32
CA LEU D 155 -2.55 -10.29 -20.42
C LEU D 155 -3.78 -9.70 -19.73
N SER D 156 -3.61 -9.17 -18.52
CA SER D 156 -4.76 -8.74 -17.68
C SER D 156 -5.43 -7.47 -18.31
N THR D 157 -4.71 -6.64 -19.08
CA THR D 157 -5.28 -5.41 -19.68
C THR D 157 -5.75 -5.70 -21.08
N SER D 158 -5.53 -6.91 -21.57
CA SER D 158 -6.14 -7.32 -22.86
C SER D 158 -7.67 -7.25 -22.76
N GLY D 159 -8.40 -7.17 -23.85
CA GLY D 159 -9.85 -7.42 -23.72
C GLY D 159 -10.12 -8.91 -23.49
N THR D 160 -11.40 -9.29 -23.49
CA THR D 160 -11.90 -10.68 -23.32
C THR D 160 -11.18 -11.63 -24.29
N VAL D 161 -10.99 -11.19 -25.54
CA VAL D 161 -10.39 -12.00 -26.62
C VAL D 161 -8.89 -11.73 -26.62
N VAL D 162 -8.11 -12.76 -26.32
CA VAL D 162 -6.65 -12.66 -26.09
C VAL D 162 -6.00 -13.55 -27.14
N THR D 163 -5.17 -12.98 -28.00
CA THR D 163 -4.44 -13.73 -29.04
C THR D 163 -2.96 -13.83 -28.64
N ILE D 164 -2.42 -15.04 -28.51
CA ILE D 164 -1.00 -15.25 -28.12
C ILE D 164 -0.24 -15.87 -29.30
N THR D 165 0.91 -15.28 -29.60
CA THR D 165 1.82 -15.74 -30.65
C THR D 165 2.98 -16.46 -29.96
N ILE D 166 3.08 -17.78 -30.20
CA ILE D 166 4.05 -18.68 -29.54
C ILE D 166 5.05 -19.24 -30.55
N MET D 167 6.17 -19.73 -30.01
CA MET D 167 7.30 -20.39 -30.70
C MET D 167 7.76 -21.53 -29.79
N PRO D 168 8.00 -22.71 -30.40
CA PRO D 168 8.61 -23.81 -29.66
C PRO D 168 9.90 -23.29 -29.00
N ALA D 169 10.09 -23.66 -27.73
CA ALA D 169 11.14 -23.20 -26.83
C ALA D 169 12.52 -23.45 -27.44
N PHE D 170 12.77 -24.62 -28.01
N PHE D 170 12.76 -24.60 -28.05
CA PHE D 170 14.09 -24.97 -28.59
CA PHE D 170 14.08 -24.99 -28.61
C PHE D 170 14.43 -23.93 -29.68
C PHE D 170 14.45 -24.03 -29.76
N ILE D 171 13.46 -23.57 -30.53
CA ILE D 171 13.72 -22.62 -31.65
C ILE D 171 13.95 -21.20 -31.08
N PHE D 172 13.17 -20.83 -30.10
CA PHE D 172 13.26 -19.53 -29.41
C PHE D 172 14.67 -19.38 -28.82
N GLU D 173 15.12 -20.39 -28.07
CA GLU D 173 16.46 -20.40 -27.42
C GLU D 173 17.52 -20.22 -28.51
N HIS D 174 17.31 -20.80 -29.68
CA HIS D 174 18.26 -20.69 -30.80
C HIS D 174 18.28 -19.27 -31.37
N ILE D 175 17.12 -18.67 -31.61
CA ILE D 175 17.00 -17.34 -32.27
C ILE D 175 17.56 -16.22 -31.37
N ILE D 176 17.56 -16.36 -30.04
CA ILE D 176 18.05 -15.26 -29.13
C ILE D 176 19.57 -15.39 -28.87
N LYS D 177 20.23 -16.49 -29.29
CA LYS D 177 21.69 -16.64 -29.13
C LYS D 177 22.44 -15.56 -29.91
N ARG D 178 23.60 -15.15 -29.40
CA ARG D 178 24.50 -14.13 -30.00
C ARG D 178 23.78 -12.78 -29.98
N MET D 179 23.02 -12.52 -28.89
CA MET D 179 22.38 -11.21 -28.56
C MET D 179 22.45 -11.05 -27.03
N ALA D 180 23.06 -9.97 -26.57
CA ALA D 180 23.24 -9.75 -25.12
C ALA D 180 21.87 -9.51 -24.51
N PRO D 181 21.53 -10.18 -23.40
CA PRO D 181 20.27 -9.87 -22.70
C PRO D 181 20.05 -8.37 -22.55
N SER D 182 21.10 -7.57 -22.36
CA SER D 182 20.95 -6.14 -22.05
C SER D 182 20.46 -5.39 -23.29
N ILE D 183 20.86 -5.86 -24.46
CA ILE D 183 20.38 -5.28 -25.73
C ILE D 183 18.91 -5.67 -25.95
N MET D 184 18.56 -6.96 -25.78
CA MET D 184 17.17 -7.48 -25.84
C MET D 184 16.27 -6.66 -24.94
N LYS D 185 16.69 -6.37 -23.70
CA LYS D 185 15.84 -5.65 -22.72
C LYS D 185 15.76 -4.17 -23.09
N SER D 186 16.81 -3.53 -23.56
CA SER D 186 16.73 -2.08 -23.82
C SER D 186 16.21 -1.74 -25.22
N LEU D 187 16.48 -2.55 -26.23
CA LEU D 187 16.31 -2.04 -27.62
C LEU D 187 15.05 -2.60 -28.26
N MET D 188 14.56 -3.76 -27.81
CA MET D 188 13.48 -4.51 -28.50
C MET D 188 12.20 -3.65 -28.55
N ASP D 189 11.60 -3.55 -29.73
CA ASP D 189 10.25 -2.99 -30.02
C ASP D 189 9.15 -3.63 -29.17
N HIS D 190 8.38 -2.81 -28.41
CA HIS D 190 7.21 -3.27 -27.63
C HIS D 190 6.04 -2.36 -27.95
N THR D 191 6.05 -1.71 -29.12
CA THR D 191 5.02 -0.71 -29.47
C THR D 191 3.70 -1.40 -29.75
N ILE D 192 2.66 -0.64 -29.45
CA ILE D 192 1.24 -0.97 -29.77
C ILE D 192 0.79 0.12 -30.71
N PRO D 193 -0.22 -0.14 -31.53
CA PRO D 193 -0.69 0.91 -32.44
C PRO D 193 -1.44 2.08 -31.76
N GLU D 194 -2.23 1.78 -30.73
CA GLU D 194 -2.99 2.78 -29.93
C GLU D 194 -3.40 2.12 -28.63
N VAL D 195 -3.93 2.91 -27.68
CA VAL D 195 -4.64 2.38 -26.49
C VAL D 195 -6.14 2.56 -26.75
C1 EDO E . -4.11 -6.31 8.31
O1 EDO E . -3.90 -5.41 7.25
C2 EDO E . -3.84 -5.70 9.63
O2 EDO E . -4.59 -4.52 9.86
C1 EDO F . -13.13 -7.16 12.74
O1 EDO F . -13.67 -7.14 11.40
C2 EDO F . -13.17 -8.47 13.47
O2 EDO F . -13.41 -8.35 14.89
C1 EDO G . 29.25 30.68 18.30
O1 EDO G . 28.11 30.09 17.72
C2 EDO G . 28.88 31.48 19.49
O2 EDO G . 28.21 30.75 20.50
C1 EDO H . 17.29 23.39 0.01
O1 EDO H . 18.26 23.44 -0.97
C2 EDO H . 16.43 24.61 0.10
O2 EDO H . 17.11 25.86 0.06
S SO4 I . 30.43 42.55 -9.98
O1 SO4 I . 29.46 41.56 -9.55
O2 SO4 I . 31.36 42.83 -8.92
O3 SO4 I . 31.15 42.06 -11.12
O4 SO4 I . 29.73 43.77 -10.32
N DGL J . 23.68 22.14 25.77
CA DGL J . 24.10 21.66 24.43
C DGL J . 22.87 21.55 23.54
O DGL J . 21.74 21.45 24.05
CB DGL J . 25.14 22.62 23.83
CG DGL J . 24.56 23.99 23.56
CD DGL J . 25.59 25.09 23.32
OE1 DGL J . 25.29 26.23 23.73
OE2 DGL J . 26.65 24.80 22.70
OXT DGL J . 22.98 21.59 22.32
C1 EDO K . -25.48 -21.02 4.85
O1 EDO K . -25.02 -19.68 5.09
C2 EDO K . -24.54 -21.87 4.08
O2 EDO K . -24.42 -21.58 2.69
C1 EDO L . -5.33 -14.16 14.30
O1 EDO L . -6.44 -15.01 14.36
C2 EDO L . -4.70 -13.82 15.61
O2 EDO L . -4.97 -14.72 16.67
S SO4 M . -5.55 -23.58 23.76
O1 SO4 M . -5.32 -24.55 24.79
O2 SO4 M . -6.95 -23.32 23.64
O3 SO4 M . -4.88 -22.35 24.12
O4 SO4 M . -5.03 -24.08 22.52
N GLY N . -3.71 -23.86 19.03
CA GLY N . -3.98 -25.24 19.55
C GLY N . -5.37 -25.73 19.18
O GLY N . -6.04 -26.28 20.05
OXT GLY N . -5.84 -25.59 18.02
N1 VW7 O . 1.57 -2.67 -21.34
C4 VW7 O . 4.02 -3.16 -20.95
C5 VW7 O . 5.39 -2.96 -21.26
C6 VW7 O . 5.73 -2.05 -22.26
C7 VW7 O . 7.22 -1.82 -22.54
C8 VW7 O . 4.69 -1.30 -22.92
C10 VW7 O . 2.65 0.56 -23.90
C1 VW7 O . -0.38 -2.91 -19.73
C2 VW7 O . 1.08 -2.64 -19.98
O1 VW7 O . 1.81 -2.39 -19.07
C3 VW7 O . 3.00 -2.43 -21.61
N2 VW7 O . 4.99 -0.31 -23.95
C9 VW7 O . 3.97 0.44 -24.61
C11 VW7 O . 2.17 -0.74 -23.32
C12 VW7 O . 3.34 -1.52 -22.61
C1 EDO P . 5.04 -4.77 -32.87
O1 EDO P . 4.61 -6.13 -32.86
C2 EDO P . 5.91 -4.47 -31.71
O2 EDO P . 5.32 -4.74 -30.45
C1 EDO Q . 17.10 -25.98 -34.86
O1 EDO Q . 18.01 -25.31 -35.68
C2 EDO Q . 16.26 -25.14 -33.97
O2 EDO Q . 16.38 -23.77 -34.08
N ALA R . -2.43 -17.61 -15.47
CA ALA R . -2.62 -16.56 -16.53
C ALA R . -3.96 -16.78 -17.24
O ALA R . -4.58 -17.86 -17.12
CB ALA R . -1.47 -16.60 -17.49
OXT ALA R . -4.43 -15.85 -17.93
N DGL S . 27.20 -19.51 -37.95
CA DGL S . 26.57 -18.98 -36.69
C DGL S . 25.77 -17.71 -37.04
O DGL S . 24.83 -17.27 -36.34
CB DGL S . 25.71 -20.06 -36.01
CG DGL S . 24.85 -20.89 -36.95
CD DGL S . 23.55 -21.43 -36.37
OE1 DGL S . 23.31 -21.31 -35.16
OE2 DGL S . 22.76 -22.00 -37.17
OXT DGL S . 26.09 -17.08 -38.08
N GLY T . 24.48 -21.95 -41.60
CA GLY T . 25.52 -21.36 -42.49
C GLY T . 26.27 -20.25 -41.80
O GLY T . 25.96 -19.84 -40.69
OXT GLY T . 27.22 -19.74 -42.36
N GLY U . 8.75 -15.41 -24.19
CA GLY U . 10.17 -15.05 -23.93
C GLY U . 10.32 -13.63 -23.38
O GLY U . 9.33 -12.98 -22.99
OXT GLY U . 11.43 -13.11 -23.35
#